data_2KAK
#
_entry.id   2KAK
#
loop_
_entity.id
_entity.type
_entity.pdbx_description
1 polymer 'EC protein I/II'
2 non-polymer 'ZINC ION'
#
_entity_poly.entity_id   1
_entity_poly.type   'polypeptide(L)'
_entity_poly.pdbx_seq_one_letter_code
;GEHTTCGCGEHCGCNPCACGREGTPSGRANRRANCSCGAACNCASCGSATAPG
;
_entity_poly.pdbx_strand_id   A
#
loop_
_chem_comp.id
_chem_comp.type
_chem_comp.name
_chem_comp.formula
ZN non-polymer 'ZINC ION' 'Zn 2'
#
# COMPACT_ATOMS: atom_id res chain seq x y z
N GLY A 1 16.75 7.17 -9.42
CA GLY A 1 16.05 6.17 -10.23
C GLY A 1 14.64 5.99 -9.70
N GLU A 2 14.43 4.89 -8.97
CA GLU A 2 13.18 4.45 -8.35
C GLU A 2 12.77 5.37 -7.17
N HIS A 3 11.85 4.92 -6.33
CA HIS A 3 11.34 5.63 -5.16
C HIS A 3 11.01 4.61 -4.08
N THR A 4 10.63 5.04 -2.88
CA THR A 4 10.26 4.07 -1.86
C THR A 4 8.88 3.61 -2.35
N THR A 5 8.76 2.32 -2.64
CA THR A 5 7.58 1.65 -3.15
C THR A 5 7.34 0.35 -2.41
N CYS A 6 6.09 -0.08 -2.36
CA CYS A 6 5.73 -1.33 -1.72
C CYS A 6 6.48 -2.40 -2.48
N GLY A 7 7.05 -3.38 -1.79
CA GLY A 7 7.82 -4.47 -2.37
C GLY A 7 7.13 -5.18 -3.53
N CYS A 8 5.78 -5.12 -3.59
CA CYS A 8 5.04 -5.72 -4.70
C CYS A 8 5.39 -5.03 -6.03
N GLY A 9 6.12 -3.92 -5.95
CA GLY A 9 6.64 -3.03 -6.98
C GLY A 9 5.61 -1.96 -7.26
N GLU A 10 5.11 -1.26 -6.24
CA GLU A 10 4.10 -0.26 -6.44
C GLU A 10 4.02 0.72 -5.30
N HIS A 11 3.94 2.00 -5.63
CA HIS A 11 3.80 3.09 -4.69
C HIS A 11 2.58 2.79 -3.80
N CYS A 12 2.75 2.82 -2.48
CA CYS A 12 1.68 2.58 -1.51
C CYS A 12 2.00 3.40 -0.27
N GLY A 13 0.99 3.74 0.54
CA GLY A 13 1.18 4.55 1.74
C GLY A 13 2.11 3.89 2.75
N CYS A 14 2.25 2.56 2.64
CA CYS A 14 3.09 1.75 3.51
C CYS A 14 4.58 1.92 3.17
N ASN A 15 4.91 2.79 2.22
CA ASN A 15 6.25 3.11 1.75
C ASN A 15 6.31 4.61 1.53
N PRO A 16 6.54 5.42 2.57
CA PRO A 16 6.64 6.86 2.45
C PRO A 16 7.89 7.17 1.63
N CYS A 17 7.76 8.17 0.77
CA CYS A 17 8.81 8.64 -0.12
C CYS A 17 8.73 10.16 -0.21
N ALA A 18 9.69 10.81 -0.87
CA ALA A 18 9.71 12.26 -1.05
C ALA A 18 8.48 12.79 -1.82
N CYS A 19 7.68 11.89 -2.41
CA CYS A 19 6.46 12.23 -3.14
C CYS A 19 5.21 11.73 -2.43
N GLY A 20 5.36 10.88 -1.39
CA GLY A 20 4.34 10.29 -0.53
C GLY A 20 3.12 9.66 -1.21
N ARG A 21 3.20 9.44 -2.52
CA ARG A 21 2.13 8.89 -3.33
C ARG A 21 1.89 7.42 -2.99
N GLU A 22 0.64 7.01 -3.07
CA GLU A 22 0.19 5.66 -2.80
C GLU A 22 -0.77 5.08 -3.84
N GLY A 23 -1.22 5.93 -4.77
CA GLY A 23 -2.16 5.64 -5.86
C GLY A 23 -3.60 5.77 -5.33
N THR A 24 -4.60 5.66 -6.20
CA THR A 24 -6.02 5.75 -5.85
C THR A 24 -6.36 4.65 -4.83
N PRO A 25 -6.62 4.98 -3.54
CA PRO A 25 -6.91 4.00 -2.53
C PRO A 25 -8.36 3.52 -2.59
N SER A 26 -8.58 2.37 -3.23
CA SER A 26 -9.91 1.78 -3.36
C SER A 26 -10.48 1.44 -1.98
N GLY A 27 -11.38 2.29 -1.48
CA GLY A 27 -12.05 2.13 -0.19
C GLY A 27 -13.17 1.11 -0.35
N ARG A 28 -12.79 -0.15 -0.61
CA ARG A 28 -13.70 -1.27 -0.82
C ARG A 28 -13.39 -2.46 0.09
N ALA A 29 -12.48 -2.29 1.04
CA ALA A 29 -12.07 -3.30 2.00
C ALA A 29 -11.46 -2.58 3.21
N ASN A 30 -11.26 -3.33 4.29
CA ASN A 30 -10.71 -2.89 5.58
C ASN A 30 -9.22 -2.52 5.52
N ARG A 31 -8.81 -1.61 4.61
CA ARG A 31 -7.42 -1.15 4.45
C ARG A 31 -7.32 0.27 5.04
N ARG A 32 -6.12 0.82 5.15
CA ARG A 32 -5.82 2.15 5.72
C ARG A 32 -6.35 3.34 4.93
N ALA A 33 -7.18 3.12 3.91
CA ALA A 33 -7.72 4.16 3.05
C ALA A 33 -6.57 4.86 2.28
N ASN A 34 -5.38 4.24 2.28
CA ASN A 34 -4.14 4.67 1.64
C ASN A 34 -3.53 3.50 0.86
N CYS A 35 -4.18 2.33 0.76
CA CYS A 35 -3.63 1.20 0.02
C CYS A 35 -4.33 0.95 -1.32
N SER A 36 -3.81 1.57 -2.38
CA SER A 36 -4.29 1.45 -3.77
C SER A 36 -4.04 0.06 -4.36
N CYS A 37 -3.02 -0.62 -3.80
CA CYS A 37 -2.56 -1.96 -4.19
C CYS A 37 -3.71 -2.94 -4.46
N GLY A 38 -3.42 -4.02 -5.18
CA GLY A 38 -4.47 -4.97 -5.46
C GLY A 38 -3.78 -6.28 -5.71
N ALA A 39 -3.07 -6.32 -6.83
CA ALA A 39 -2.30 -7.47 -7.24
C ALA A 39 -1.24 -7.83 -6.20
N ALA A 40 -0.77 -9.06 -6.36
CA ALA A 40 0.23 -9.89 -5.66
C ALA A 40 0.98 -9.12 -4.56
N CYS A 41 0.30 -8.78 -3.47
CA CYS A 41 0.91 -8.03 -2.39
C CYS A 41 1.28 -8.80 -1.13
N ASN A 42 2.45 -9.42 -1.11
CA ASN A 42 2.92 -10.16 0.05
C ASN A 42 3.43 -9.24 1.15
N CYS A 43 3.46 -7.91 0.95
CA CYS A 43 3.90 -6.98 2.02
C CYS A 43 3.04 -7.13 3.27
N ALA A 44 3.63 -7.49 4.41
CA ALA A 44 2.92 -7.65 5.68
C ALA A 44 2.10 -6.40 6.03
N SER A 45 2.65 -5.21 5.80
CA SER A 45 1.99 -3.93 6.09
C SER A 45 0.72 -3.71 5.27
N CYS A 46 0.53 -4.49 4.21
CA CYS A 46 -0.66 -4.46 3.38
C CYS A 46 -1.55 -5.67 3.67
N GLY A 47 -1.02 -6.84 4.05
CA GLY A 47 -1.87 -7.99 4.38
C GLY A 47 -2.80 -7.62 5.54
N SER A 48 -2.32 -6.76 6.46
CA SER A 48 -3.02 -6.26 7.62
C SER A 48 -4.31 -5.59 7.15
N ALA A 49 -5.43 -6.26 7.38
CA ALA A 49 -6.79 -5.87 7.04
C ALA A 49 -7.75 -6.64 7.97
N THR A 50 -7.28 -6.97 9.18
CA THR A 50 -7.99 -7.70 10.22
C THR A 50 -7.86 -6.89 11.50
N ALA A 51 -8.96 -6.70 12.23
CA ALA A 51 -9.04 -5.94 13.47
C ALA A 51 -8.76 -4.44 13.24
N PRO A 52 -9.02 -3.58 14.23
CA PRO A 52 -8.80 -2.14 14.12
C PRO A 52 -7.32 -1.75 14.28
N GLY A 53 -6.45 -2.18 13.36
CA GLY A 53 -5.04 -1.88 13.37
C GLY A 53 -4.43 -2.35 12.06
ZN ZN B . 7.19 8.32 -4.52
ZN ZN C . 1.52 -3.66 -2.33
ZN ZN D . 2.61 -2.53 1.15
ZN ZN E . -0.63 -1.56 -0.24
N GLY A 1 11.67 4.95 -12.01
CA GLY A 1 11.07 4.71 -10.69
C GLY A 1 12.06 5.09 -9.62
N GLU A 2 12.72 4.10 -8.99
CA GLU A 2 13.72 4.22 -7.94
C GLU A 2 13.23 4.88 -6.65
N HIS A 3 11.92 5.07 -6.53
CA HIS A 3 11.34 5.70 -5.35
C HIS A 3 10.95 4.65 -4.32
N THR A 4 10.66 5.11 -3.10
CA THR A 4 10.23 4.23 -2.04
C THR A 4 8.82 3.82 -2.49
N THR A 5 8.65 2.54 -2.76
CA THR A 5 7.42 1.93 -3.21
C THR A 5 7.25 0.65 -2.44
N CYS A 6 6.03 0.14 -2.41
CA CYS A 6 5.74 -1.11 -1.75
C CYS A 6 6.60 -2.18 -2.37
N GLY A 7 7.02 -3.16 -1.58
CA GLY A 7 7.84 -4.25 -2.08
C GLY A 7 7.23 -4.96 -3.28
N CYS A 8 5.89 -4.98 -3.38
CA CYS A 8 5.22 -5.61 -4.53
C CYS A 8 5.54 -4.88 -5.85
N GLY A 9 6.04 -3.65 -5.78
CA GLY A 9 6.43 -2.81 -6.89
C GLY A 9 5.64 -1.53 -7.15
N GLU A 10 4.78 -1.04 -6.25
CA GLU A 10 4.03 0.16 -6.52
C GLU A 10 4.02 1.18 -5.39
N HIS A 11 3.86 2.44 -5.75
CA HIS A 11 3.75 3.57 -4.83
C HIS A 11 2.45 3.28 -4.07
N CYS A 12 2.54 2.98 -2.77
CA CYS A 12 1.43 2.66 -1.87
C CYS A 12 1.70 3.44 -0.60
N GLY A 13 0.66 3.73 0.18
CA GLY A 13 0.76 4.51 1.42
C GLY A 13 1.53 3.88 2.55
N CYS A 14 2.12 2.71 2.29
CA CYS A 14 2.91 1.94 3.22
C CYS A 14 4.41 2.17 2.99
N ASN A 15 4.76 3.08 2.09
CA ASN A 15 6.16 3.38 1.77
C ASN A 15 6.32 4.88 1.55
N PRO A 16 6.48 5.67 2.62
CA PRO A 16 6.65 7.09 2.49
C PRO A 16 8.00 7.33 1.80
N CYS A 17 7.94 8.13 0.75
CA CYS A 17 9.04 8.53 -0.10
C CYS A 17 9.09 10.03 -0.18
N ALA A 18 10.12 10.57 -0.84
CA ALA A 18 10.36 11.99 -1.07
C ALA A 18 9.20 12.73 -1.76
N CYS A 19 8.20 12.01 -2.29
CA CYS A 19 7.03 12.57 -2.94
C CYS A 19 5.73 12.26 -2.18
N GLY A 20 5.76 11.27 -1.29
CA GLY A 20 4.61 10.86 -0.48
C GLY A 20 3.32 10.75 -1.28
N ARG A 21 3.37 10.05 -2.41
CA ARG A 21 2.24 9.81 -3.30
C ARG A 21 2.05 8.32 -3.28
N GLU A 22 0.81 7.85 -3.38
CA GLU A 22 0.50 6.44 -3.31
C GLU A 22 -0.47 5.94 -4.39
N GLY A 23 -0.78 6.72 -5.42
CA GLY A 23 -1.72 6.25 -6.43
C GLY A 23 -3.13 6.46 -5.91
N THR A 24 -4.08 5.63 -6.35
CA THR A 24 -5.47 5.74 -5.94
C THR A 24 -5.87 4.57 -5.04
N PRO A 25 -6.00 4.79 -3.72
CA PRO A 25 -6.39 3.73 -2.81
C PRO A 25 -7.88 3.39 -2.98
N SER A 26 -8.20 2.12 -3.14
CA SER A 26 -9.58 1.70 -3.29
C SER A 26 -10.09 1.39 -1.87
N GLY A 27 -11.00 2.21 -1.37
CA GLY A 27 -11.62 2.07 -0.05
C GLY A 27 -12.81 1.14 -0.20
N ARG A 28 -12.57 -0.15 -0.44
CA ARG A 28 -13.63 -1.16 -0.62
C ARG A 28 -13.46 -2.38 0.27
N ALA A 29 -12.51 -2.36 1.21
CA ALA A 29 -12.25 -3.44 2.13
C ALA A 29 -11.76 -2.86 3.45
N ASN A 30 -11.35 -3.74 4.36
CA ASN A 30 -10.85 -3.42 5.69
C ASN A 30 -9.45 -2.78 5.70
N ARG A 31 -8.93 -2.35 4.55
CA ARG A 31 -7.60 -1.74 4.48
C ARG A 31 -7.65 -0.38 5.18
N ARG A 32 -6.50 0.27 5.27
CA ARG A 32 -6.35 1.57 5.90
C ARG A 32 -6.72 2.76 5.02
N ALA A 33 -7.52 2.53 3.99
CA ALA A 33 -7.98 3.54 3.02
C ALA A 33 -6.82 4.24 2.28
N ASN A 34 -5.58 3.80 2.45
CA ASN A 34 -4.38 4.36 1.82
C ASN A 34 -3.59 3.27 1.06
N CYS A 35 -4.15 2.05 0.96
CA CYS A 35 -3.51 0.97 0.21
C CYS A 35 -4.15 0.84 -1.18
N SER A 36 -3.43 1.31 -2.20
CA SER A 36 -3.76 1.33 -3.64
C SER A 36 -3.35 0.06 -4.42
N CYS A 37 -2.83 -0.93 -3.68
CA CYS A 37 -2.39 -2.21 -4.25
C CYS A 37 -3.52 -3.05 -4.87
N GLY A 38 -3.16 -4.25 -5.33
CA GLY A 38 -4.02 -5.24 -5.93
C GLY A 38 -3.72 -6.60 -5.29
N ALA A 39 -4.25 -7.68 -5.86
CA ALA A 39 -4.07 -9.05 -5.37
C ALA A 39 -2.63 -9.56 -5.34
N ALA A 40 -1.71 -8.98 -6.13
CA ALA A 40 -0.30 -9.40 -6.20
C ALA A 40 0.52 -8.67 -5.13
N CYS A 41 0.26 -8.91 -3.85
CA CYS A 41 1.01 -8.28 -2.79
C CYS A 41 0.98 -9.06 -1.49
N ASN A 42 2.17 -9.38 -0.97
CA ASN A 42 2.36 -10.11 0.26
C ASN A 42 2.87 -9.21 1.39
N CYS A 43 3.27 -7.96 1.09
CA CYS A 43 3.78 -6.97 2.07
C CYS A 43 2.94 -7.00 3.36
N ALA A 44 3.49 -7.36 4.53
CA ALA A 44 2.78 -7.43 5.80
C ALA A 44 1.95 -6.19 6.12
N SER A 45 2.51 -4.98 5.90
CA SER A 45 1.80 -3.72 6.16
C SER A 45 0.53 -3.63 5.29
N CYS A 46 0.50 -4.40 4.20
CA CYS A 46 -0.63 -4.46 3.30
C CYS A 46 -1.44 -5.76 3.47
N GLY A 47 -0.88 -6.83 4.02
CA GLY A 47 -1.57 -8.08 4.23
C GLY A 47 -2.66 -7.82 5.25
N SER A 48 -2.25 -7.43 6.45
CA SER A 48 -3.14 -7.14 7.57
C SER A 48 -3.74 -5.74 7.37
N ALA A 49 -2.93 -4.70 7.65
CA ALA A 49 -3.13 -3.24 7.60
C ALA A 49 -3.08 -2.63 9.01
N THR A 50 -2.60 -3.38 10.00
CA THR A 50 -2.47 -2.99 11.40
C THR A 50 -1.27 -2.04 11.64
N ALA A 51 -1.20 -0.94 10.87
CA ALA A 51 -0.13 0.07 10.94
C ALA A 51 1.20 -0.54 10.41
N PRO A 52 2.35 0.15 10.46
CA PRO A 52 3.61 -0.39 9.99
C PRO A 52 4.12 -1.46 10.98
N GLY A 53 3.81 -2.73 10.72
CA GLY A 53 4.21 -3.86 11.55
C GLY A 53 3.56 -3.77 12.91
ZN ZN B . 7.42 8.58 -4.52
ZN ZN C . 1.68 -3.73 -2.49
ZN ZN D . 2.74 -2.48 1.04
ZN ZN E . -0.52 -1.68 -0.44
N GLY A 1 17.74 4.41 -9.49
CA GLY A 1 17.28 5.26 -8.39
C GLY A 1 15.77 5.32 -8.36
N GLU A 2 15.12 4.21 -8.00
CA GLU A 2 13.66 4.13 -7.90
C GLU A 2 13.18 4.86 -6.66
N HIS A 3 11.86 4.88 -6.46
CA HIS A 3 11.23 5.53 -5.32
C HIS A 3 10.84 4.53 -4.27
N THR A 4 10.46 5.03 -3.10
CA THR A 4 10.04 4.15 -2.04
C THR A 4 8.65 3.71 -2.46
N THR A 5 8.50 2.41 -2.73
CA THR A 5 7.23 1.82 -3.13
C THR A 5 7.00 0.63 -2.26
N CYS A 6 5.77 0.17 -2.27
CA CYS A 6 5.49 -1.03 -1.53
C CYS A 6 6.33 -2.12 -2.18
N GLY A 7 6.95 -3.01 -1.39
CA GLY A 7 7.79 -4.11 -1.87
C GLY A 7 7.21 -4.88 -3.06
N CYS A 8 5.88 -4.91 -3.23
CA CYS A 8 5.24 -5.58 -4.37
C CYS A 8 5.54 -4.87 -5.71
N GLY A 9 6.13 -3.68 -5.68
CA GLY A 9 6.47 -2.90 -6.84
C GLY A 9 5.30 -1.97 -7.17
N GLU A 10 4.77 -1.23 -6.18
CA GLU A 10 3.67 -0.32 -6.44
C GLU A 10 3.60 0.73 -5.33
N HIS A 11 3.78 2.01 -5.69
CA HIS A 11 3.70 3.17 -4.82
C HIS A 11 2.42 3.00 -4.00
N CYS A 12 2.50 3.04 -2.66
CA CYS A 12 1.33 2.88 -1.79
C CYS A 12 1.63 3.50 -0.41
N GLY A 13 0.61 3.76 0.42
CA GLY A 13 0.65 4.43 1.73
C GLY A 13 1.61 3.92 2.80
N CYS A 14 1.96 2.66 2.66
CA CYS A 14 2.87 1.96 3.56
C CYS A 14 4.33 2.26 3.25
N ASN A 15 4.64 3.08 2.23
CA ASN A 15 6.01 3.41 1.85
C ASN A 15 6.16 4.91 1.55
N PRO A 16 6.39 5.74 2.57
CA PRO A 16 6.58 7.17 2.36
C PRO A 16 7.83 7.37 1.52
N CYS A 17 7.74 8.28 0.56
CA CYS A 17 8.77 8.66 -0.38
C CYS A 17 8.82 10.18 -0.51
N ALA A 18 9.85 10.70 -1.20
CA ALA A 18 10.06 12.12 -1.45
C ALA A 18 8.93 12.82 -2.22
N CYS A 19 8.01 12.03 -2.78
CA CYS A 19 6.86 12.51 -3.53
C CYS A 19 5.54 12.24 -2.80
N GLY A 20 5.54 11.37 -1.78
CA GLY A 20 4.37 11.01 -0.99
C GLY A 20 3.20 10.39 -1.78
N ARG A 21 3.42 10.08 -3.06
CA ARG A 21 2.40 9.50 -3.91
C ARG A 21 2.09 8.11 -3.42
N GLU A 22 0.82 7.74 -3.42
CA GLU A 22 0.40 6.43 -3.00
C GLU A 22 -0.58 5.80 -3.98
N GLY A 23 -0.97 6.48 -5.06
CA GLY A 23 -1.90 5.95 -6.04
C GLY A 23 -3.33 6.06 -5.55
N THR A 24 -4.29 5.59 -6.33
CA THR A 24 -5.70 5.63 -5.98
C THR A 24 -5.96 4.46 -5.04
N PRO A 25 -6.32 4.71 -3.77
CA PRO A 25 -6.58 3.65 -2.81
C PRO A 25 -7.83 2.84 -3.17
N SER A 26 -8.01 1.72 -2.47
CA SER A 26 -9.19 0.88 -2.68
C SER A 26 -10.37 1.51 -1.94
N GLY A 27 -10.08 2.27 -0.87
CA GLY A 27 -10.98 3.00 -0.01
C GLY A 27 -11.82 2.06 0.83
N ARG A 28 -12.80 1.46 0.17
CA ARG A 28 -13.79 0.53 0.67
C ARG A 28 -13.24 -0.87 0.56
N ALA A 29 -12.39 -1.25 1.50
CA ALA A 29 -11.78 -2.57 1.58
C ALA A 29 -11.21 -2.72 2.99
N ASN A 30 -10.94 -3.95 3.44
CA ASN A 30 -10.37 -4.26 4.76
C ASN A 30 -8.98 -3.66 5.05
N ARG A 31 -8.40 -2.91 4.10
CA ARG A 31 -7.11 -2.26 4.25
C ARG A 31 -7.31 -0.93 4.99
N ARG A 32 -6.24 -0.13 5.08
CA ARG A 32 -6.21 1.17 5.77
C ARG A 32 -6.84 2.34 5.02
N ALA A 33 -7.62 2.09 3.96
CA ALA A 33 -8.23 3.11 3.11
C ALA A 33 -7.14 3.87 2.33
N ASN A 34 -5.88 3.43 2.44
CA ASN A 34 -4.67 3.97 1.82
C ASN A 34 -3.89 2.91 1.05
N CYS A 35 -4.51 1.76 0.80
CA CYS A 35 -3.88 0.70 0.05
C CYS A 35 -4.44 0.63 -1.37
N SER A 36 -3.75 1.27 -2.29
CA SER A 36 -4.05 1.33 -3.72
C SER A 36 -3.65 0.03 -4.42
N CYS A 37 -2.62 -0.62 -3.87
CA CYS A 37 -2.06 -1.84 -4.44
C CYS A 37 -2.73 -3.11 -3.96
N GLY A 38 -3.16 -3.97 -4.88
CA GLY A 38 -3.80 -5.23 -4.60
C GLY A 38 -2.81 -6.17 -5.21
N ALA A 39 -3.03 -6.46 -6.49
CA ALA A 39 -2.28 -7.30 -7.40
C ALA A 39 -1.08 -8.01 -6.77
N ALA A 40 -1.42 -9.19 -6.25
CA ALA A 40 -0.60 -10.22 -5.60
C ALA A 40 0.37 -9.70 -4.54
N CYS A 41 0.06 -8.56 -3.93
CA CYS A 41 0.90 -7.97 -2.94
C CYS A 41 0.80 -8.74 -1.64
N ASN A 42 1.94 -9.25 -1.19
CA ASN A 42 2.07 -10.03 0.03
C ASN A 42 2.62 -9.25 1.22
N CYS A 43 2.91 -7.96 1.02
CA CYS A 43 3.42 -7.09 2.07
C CYS A 43 2.54 -7.12 3.31
N ALA A 44 2.98 -7.62 4.46
CA ALA A 44 2.18 -7.63 5.68
C ALA A 44 1.74 -6.21 6.03
N SER A 45 2.54 -5.17 5.80
CA SER A 45 2.15 -3.79 6.11
C SER A 45 0.94 -3.37 5.27
N CYS A 46 0.57 -4.16 4.25
CA CYS A 46 -0.60 -3.93 3.42
C CYS A 46 -1.66 -5.02 3.58
N GLY A 47 -1.33 -6.27 3.95
CA GLY A 47 -2.31 -7.34 4.10
C GLY A 47 -2.38 -7.87 5.52
N SER A 48 -2.29 -7.02 6.56
CA SER A 48 -2.41 -7.45 7.95
C SER A 48 -3.83 -8.00 8.21
N ALA A 49 -4.80 -7.64 7.36
CA ALA A 49 -6.17 -8.12 7.44
C ALA A 49 -6.12 -9.60 7.07
N THR A 50 -7.17 -10.37 7.33
CA THR A 50 -7.21 -11.80 7.02
C THR A 50 -6.06 -12.57 7.72
N ALA A 51 -5.53 -12.04 8.83
CA ALA A 51 -4.44 -12.58 9.63
C ALA A 51 -4.60 -14.07 9.98
N PRO A 52 -3.50 -14.77 10.30
CA PRO A 52 -3.50 -16.18 10.64
C PRO A 52 -4.14 -16.50 12.00
N GLY A 53 -5.45 -16.66 12.00
CA GLY A 53 -6.25 -16.98 13.18
C GLY A 53 -6.45 -15.80 14.09
ZN ZN B . 7.20 8.39 -4.71
ZN ZN C . 1.82 -3.64 -2.14
ZN ZN D . 2.62 -2.33 1.31
ZN ZN E . -0.72 -1.52 -0.57
N GLY A 1 14.59 5.97 -11.89
CA GLY A 1 13.83 6.78 -10.93
C GLY A 1 13.04 5.92 -9.96
N GLU A 2 13.68 4.86 -9.43
CA GLU A 2 13.07 3.94 -8.48
C GLU A 2 12.75 4.73 -7.21
N HIS A 3 11.54 4.55 -6.70
CA HIS A 3 11.08 5.24 -5.50
C HIS A 3 10.81 4.24 -4.39
N THR A 4 10.54 4.75 -3.19
CA THR A 4 10.23 3.90 -2.06
C THR A 4 8.80 3.49 -2.40
N THR A 5 8.63 2.22 -2.75
CA THR A 5 7.37 1.63 -3.15
C THR A 5 7.13 0.39 -2.33
N CYS A 6 5.86 -0.01 -2.24
CA CYS A 6 5.54 -1.23 -1.54
C CYS A 6 6.26 -2.37 -2.21
N GLY A 7 6.79 -3.33 -1.43
CA GLY A 7 7.55 -4.52 -1.89
C GLY A 7 6.98 -5.25 -3.12
N CYS A 8 5.69 -5.08 -3.40
CA CYS A 8 4.98 -5.65 -4.53
C CYS A 8 5.24 -4.87 -5.83
N GLY A 9 6.11 -3.86 -5.74
CA GLY A 9 6.52 -2.96 -6.80
C GLY A 9 5.35 -2.02 -7.07
N GLU A 10 4.82 -1.34 -6.04
CA GLU A 10 3.69 -0.46 -6.27
C GLU A 10 3.61 0.60 -5.18
N HIS A 11 3.59 1.87 -5.58
CA HIS A 11 3.51 3.01 -4.67
C HIS A 11 2.34 2.79 -3.70
N CYS A 12 2.59 2.92 -2.39
CA CYS A 12 1.59 2.76 -1.34
C CYS A 12 2.02 3.56 -0.11
N GLY A 13 1.09 3.89 0.79
CA GLY A 13 1.38 4.68 1.99
C GLY A 13 2.35 4.01 2.93
N CYS A 14 2.40 2.68 2.85
CA CYS A 14 3.29 1.88 3.67
C CYS A 14 4.76 2.05 3.28
N ASN A 15 5.05 2.91 2.30
CA ASN A 15 6.38 3.20 1.82
C ASN A 15 6.53 4.69 1.56
N PRO A 16 6.88 5.47 2.59
CA PRO A 16 7.08 6.90 2.44
C PRO A 16 8.28 7.14 1.52
N CYS A 17 8.16 8.08 0.59
CA CYS A 17 9.14 8.46 -0.39
C CYS A 17 9.13 9.98 -0.55
N ALA A 18 10.13 10.53 -1.24
CA ALA A 18 10.28 11.96 -1.52
C ALA A 18 9.03 12.61 -2.15
N CYS A 19 8.15 11.83 -2.78
CA CYS A 19 6.93 12.33 -3.42
C CYS A 19 5.68 12.11 -2.55
N GLY A 20 5.74 11.20 -1.57
CA GLY A 20 4.61 10.90 -0.66
C GLY A 20 3.29 10.66 -1.40
N ARG A 21 3.33 9.93 -2.51
CA ARG A 21 2.19 9.60 -3.36
C ARG A 21 1.89 8.12 -3.24
N GLU A 22 0.63 7.72 -3.40
CA GLU A 22 0.22 6.33 -3.34
C GLU A 22 -0.85 5.96 -4.36
N GLY A 23 -1.50 6.93 -5.00
CA GLY A 23 -2.56 6.73 -5.98
C GLY A 23 -3.89 6.44 -5.30
N THR A 24 -4.96 6.34 -6.09
CA THR A 24 -6.32 6.09 -5.61
C THR A 24 -6.44 4.87 -4.67
N PRO A 25 -6.87 5.06 -3.41
CA PRO A 25 -7.04 3.98 -2.46
C PRO A 25 -8.11 3.01 -2.96
N SER A 26 -8.05 1.75 -2.51
CA SER A 26 -8.96 0.71 -2.98
C SER A 26 -10.45 0.78 -2.58
N GLY A 27 -10.78 1.04 -1.32
CA GLY A 27 -12.15 1.14 -0.78
C GLY A 27 -12.88 -0.21 -0.65
N ARG A 28 -12.60 -1.20 -1.50
CA ARG A 28 -13.27 -2.50 -1.47
C ARG A 28 -12.81 -3.42 -0.34
N ALA A 29 -11.96 -2.93 0.55
CA ALA A 29 -11.44 -3.67 1.70
C ALA A 29 -11.18 -2.67 2.81
N ASN A 30 -11.33 -3.13 4.04
CA ASN A 30 -11.12 -2.36 5.27
C ASN A 30 -9.62 -2.13 5.50
N ARG A 31 -9.00 -1.35 4.62
CA ARG A 31 -7.58 -0.99 4.70
C ARG A 31 -7.47 0.41 5.28
N ARG A 32 -6.27 0.97 5.30
CA ARG A 32 -5.96 2.30 5.85
C ARG A 32 -6.50 3.48 5.04
N ALA A 33 -7.36 3.22 4.06
CA ALA A 33 -7.91 4.22 3.15
C ALA A 33 -6.79 4.90 2.34
N ASN A 34 -5.59 4.30 2.36
CA ASN A 34 -4.37 4.74 1.69
C ASN A 34 -3.64 3.57 1.03
N CYS A 35 -4.28 2.40 0.91
CA CYS A 35 -3.66 1.28 0.26
C CYS A 35 -4.33 1.01 -1.08
N SER A 36 -3.91 1.79 -2.04
CA SER A 36 -4.33 1.72 -3.43
C SER A 36 -4.01 0.36 -4.05
N CYS A 37 -2.88 -0.16 -3.58
CA CYS A 37 -2.28 -1.40 -4.03
C CYS A 37 -3.00 -2.64 -3.53
N GLY A 38 -3.10 -3.72 -4.29
CA GLY A 38 -3.78 -4.94 -3.94
C GLY A 38 -3.08 -6.04 -4.70
N ALA A 39 -2.90 -5.86 -6.01
CA ALA A 39 -2.22 -6.79 -6.90
C ALA A 39 -0.93 -7.29 -6.25
N ALA A 40 -0.79 -8.61 -6.32
CA ALA A 40 0.28 -9.50 -5.83
C ALA A 40 1.00 -8.87 -4.65
N CYS A 41 0.23 -8.55 -3.60
CA CYS A 41 0.79 -7.92 -2.43
C CYS A 41 1.04 -8.78 -1.19
N ASN A 42 2.24 -9.35 -1.09
CA ASN A 42 2.61 -10.17 0.08
C ASN A 42 3.14 -9.29 1.23
N CYS A 43 3.29 -7.98 1.00
CA CYS A 43 3.77 -7.03 2.00
C CYS A 43 2.87 -7.16 3.22
N ALA A 44 3.38 -7.63 4.36
CA ALA A 44 2.66 -7.83 5.61
C ALA A 44 1.82 -6.60 5.95
N SER A 45 2.35 -5.38 5.77
CA SER A 45 1.62 -4.13 6.06
C SER A 45 0.26 -4.13 5.36
N CYS A 46 0.29 -4.63 4.13
CA CYS A 46 -0.84 -4.74 3.25
C CYS A 46 -1.57 -6.08 3.33
N GLY A 47 -0.97 -7.12 3.89
CA GLY A 47 -1.64 -8.40 4.04
C GLY A 47 -2.74 -8.15 5.08
N SER A 48 -2.40 -7.44 6.16
CA SER A 48 -3.33 -7.11 7.23
C SER A 48 -4.45 -6.21 6.70
N ALA A 49 -5.68 -6.67 6.91
CA ALA A 49 -6.92 -6.02 6.54
C ALA A 49 -7.90 -6.52 7.60
N THR A 50 -7.64 -6.17 8.85
CA THR A 50 -8.42 -6.59 10.00
C THR A 50 -8.84 -5.38 10.86
N ALA A 51 -9.88 -5.57 11.68
CA ALA A 51 -10.43 -4.60 12.62
C ALA A 51 -11.38 -5.34 13.55
N PRO A 52 -11.57 -4.89 14.80
CA PRO A 52 -12.45 -5.53 15.76
C PRO A 52 -13.93 -5.40 15.36
N GLY A 53 -14.30 -4.38 14.56
CA GLY A 53 -15.65 -4.12 14.10
C GLY A 53 -15.82 -2.63 14.08
ZN ZN B . 7.18 8.22 -4.63
ZN ZN C . 1.47 -3.59 -2.15
ZN ZN D . 2.51 -2.42 1.42
ZN ZN E . -0.68 -1.44 -0.10
N GLY A 1 17.73 4.41 -9.71
CA GLY A 1 17.24 5.72 -9.23
C GLY A 1 15.74 5.67 -9.05
N GLU A 2 15.28 4.83 -8.13
CA GLU A 2 13.89 4.58 -7.81
C GLU A 2 13.41 5.40 -6.62
N HIS A 3 12.18 5.13 -6.21
CA HIS A 3 11.52 5.76 -5.07
C HIS A 3 11.05 4.66 -4.13
N THR A 4 10.66 5.08 -2.94
CA THR A 4 10.17 4.18 -1.93
C THR A 4 8.82 3.69 -2.45
N THR A 5 8.71 2.38 -2.62
CA THR A 5 7.51 1.72 -3.09
C THR A 5 7.36 0.43 -2.33
N CYS A 6 6.12 -0.04 -2.28
CA CYS A 6 5.80 -1.29 -1.65
C CYS A 6 6.56 -2.34 -2.43
N GLY A 7 7.22 -3.28 -1.74
CA GLY A 7 8.01 -4.37 -2.32
C GLY A 7 7.34 -5.11 -3.46
N CYS A 8 6.00 -5.05 -3.57
CA CYS A 8 5.28 -5.70 -4.67
C CYS A 8 5.51 -4.94 -6.00
N GLY A 9 6.16 -3.78 -5.93
CA GLY A 9 6.54 -2.87 -6.98
C GLY A 9 5.55 -1.73 -7.22
N GLU A 10 5.04 -1.05 -6.17
CA GLU A 10 4.11 0.04 -6.35
C GLU A 10 4.14 1.09 -5.25
N HIS A 11 4.00 2.35 -5.64
CA HIS A 11 3.91 3.51 -4.77
C HIS A 11 2.60 3.28 -3.99
N CYS A 12 2.68 3.01 -2.68
CA CYS A 12 1.51 2.73 -1.83
C CYS A 12 1.70 3.35 -0.48
N GLY A 13 0.59 3.57 0.23
CA GLY A 13 0.53 4.23 1.55
C GLY A 13 1.26 3.62 2.71
N CYS A 14 1.99 2.56 2.44
CA CYS A 14 2.80 1.81 3.38
C CYS A 14 4.28 2.10 3.13
N ASN A 15 4.60 2.97 2.17
CA ASN A 15 5.96 3.31 1.80
C ASN A 15 6.08 4.80 1.57
N PRO A 16 6.11 5.61 2.64
CA PRO A 16 6.24 7.05 2.52
C PRO A 16 7.59 7.35 1.86
N CYS A 17 7.53 8.06 0.74
CA CYS A 17 8.64 8.50 -0.08
C CYS A 17 8.67 10.02 -0.13
N ALA A 18 9.71 10.61 -0.73
CA ALA A 18 9.89 12.05 -0.88
C ALA A 18 8.74 12.75 -1.61
N CYS A 19 7.94 11.98 -2.36
CA CYS A 19 6.80 12.51 -3.10
C CYS A 19 5.44 12.13 -2.51
N GLY A 20 5.42 11.15 -1.59
CA GLY A 20 4.20 10.70 -0.91
C GLY A 20 3.04 10.30 -1.83
N ARG A 21 3.31 10.01 -3.10
CA ARG A 21 2.28 9.61 -4.06
C ARG A 21 1.87 8.22 -3.66
N GLU A 22 0.65 8.04 -3.14
CA GLU A 22 0.19 6.72 -2.72
C GLU A 22 -0.64 6.02 -3.78
N GLY A 23 -0.99 6.76 -4.84
CA GLY A 23 -1.78 6.26 -5.96
C GLY A 23 -3.26 6.37 -5.61
N THR A 24 -4.09 5.63 -6.35
CA THR A 24 -5.52 5.64 -6.14
C THR A 24 -5.89 4.44 -5.25
N PRO A 25 -6.02 4.63 -3.93
CA PRO A 25 -6.38 3.56 -3.03
C PRO A 25 -7.82 3.10 -3.30
N SER A 26 -8.15 1.93 -2.76
CA SER A 26 -9.45 1.32 -2.90
C SER A 26 -10.04 1.18 -1.49
N GLY A 27 -10.86 2.15 -1.08
CA GLY A 27 -11.51 2.20 0.22
C GLY A 27 -12.75 1.32 0.19
N ARG A 28 -12.55 0.03 -0.06
CA ARG A 28 -13.61 -0.98 -0.15
C ARG A 28 -13.10 -2.26 0.54
N ALA A 29 -12.34 -2.08 1.63
CA ALA A 29 -11.76 -3.13 2.46
C ALA A 29 -11.39 -2.55 3.83
N ASN A 30 -11.02 -3.43 4.76
CA ASN A 30 -10.61 -3.13 6.15
C ASN A 30 -9.27 -2.37 6.24
N ARG A 31 -8.67 -2.01 5.10
CA ARG A 31 -7.40 -1.31 4.97
C ARG A 31 -7.52 0.13 5.49
N ARG A 32 -6.45 0.92 5.27
CA ARG A 32 -6.32 2.31 5.72
C ARG A 32 -6.74 3.34 4.66
N ALA A 33 -7.54 2.94 3.67
CA ALA A 33 -8.02 3.79 2.57
C ALA A 33 -6.87 4.49 1.84
N ASN A 34 -5.67 3.91 1.93
CA ASN A 34 -4.44 4.40 1.34
C ASN A 34 -3.66 3.26 0.67
N CYS A 35 -4.15 2.02 0.74
CA CYS A 35 -3.48 0.93 0.09
C CYS A 35 -4.07 0.85 -1.33
N SER A 36 -3.23 1.13 -2.32
CA SER A 36 -3.48 1.16 -3.77
C SER A 36 -3.11 -0.14 -4.49
N CYS A 37 -2.65 -1.14 -3.75
CA CYS A 37 -2.28 -2.46 -4.32
C CYS A 37 -3.50 -3.22 -4.84
N GLY A 38 -3.22 -4.36 -5.47
CA GLY A 38 -4.13 -5.34 -6.00
C GLY A 38 -3.80 -6.62 -5.20
N ALA A 39 -4.34 -7.77 -5.57
CA ALA A 39 -4.03 -9.00 -4.84
C ALA A 39 -2.56 -9.41 -5.05
N ALA A 40 -1.87 -8.87 -6.06
CA ALA A 40 -0.48 -9.14 -6.39
C ALA A 40 0.44 -8.46 -5.36
N CYS A 41 0.35 -8.84 -4.09
CA CYS A 41 1.16 -8.29 -3.04
C CYS A 41 1.18 -9.14 -1.78
N ASN A 42 2.39 -9.38 -1.25
CA ASN A 42 2.58 -10.15 -0.01
C ASN A 42 3.08 -9.26 1.12
N CYS A 43 3.32 -7.95 0.91
CA CYS A 43 3.78 -7.04 1.99
C CYS A 43 2.83 -7.16 3.18
N ALA A 44 3.29 -7.64 4.33
CA ALA A 44 2.47 -7.79 5.53
C ALA A 44 1.80 -6.46 5.90
N SER A 45 2.48 -5.32 5.72
CA SER A 45 1.93 -4.00 6.02
C SER A 45 0.69 -3.73 5.15
N CYS A 46 0.50 -4.47 4.06
CA CYS A 46 -0.67 -4.34 3.20
C CYS A 46 -1.63 -5.52 3.25
N GLY A 47 -1.21 -6.71 3.67
CA GLY A 47 -2.12 -7.83 3.72
C GLY A 47 -3.07 -7.58 4.88
N SER A 48 -2.50 -7.55 6.07
CA SER A 48 -3.19 -7.32 7.32
C SER A 48 -3.27 -5.81 7.57
N ALA A 49 -4.11 -5.44 8.53
CA ALA A 49 -4.35 -4.07 8.97
C ALA A 49 -5.01 -4.07 10.34
N THR A 50 -5.90 -5.04 10.58
CA THR A 50 -6.65 -5.23 11.81
C THR A 50 -5.75 -5.34 13.04
N ALA A 51 -4.86 -6.33 13.08
CA ALA A 51 -3.94 -6.61 14.16
C ALA A 51 -2.60 -7.04 13.56
N PRO A 52 -1.50 -6.93 14.32
CA PRO A 52 -0.16 -7.27 13.88
C PRO A 52 -0.01 -8.72 13.44
N GLY A 53 -0.56 -9.67 14.20
CA GLY A 53 -0.47 -11.08 13.89
C GLY A 53 -1.78 -11.53 13.29
ZN ZN B . 7.43 8.60 -4.57
ZN ZN C . 1.71 -3.90 -2.36
ZN ZN D . 2.68 -2.50 0.99
ZN ZN E . -0.54 -1.61 -0.58
N GLY A 1 11.21 1.05 -10.38
CA GLY A 1 11.02 2.34 -9.71
C GLY A 1 12.22 2.67 -8.85
N GLU A 2 12.53 3.94 -8.68
CA GLU A 2 13.67 4.44 -7.89
C GLU A 2 13.20 5.21 -6.66
N HIS A 3 12.04 4.82 -6.11
CA HIS A 3 11.44 5.45 -4.95
C HIS A 3 11.01 4.41 -3.93
N THR A 4 10.60 4.89 -2.76
CA THR A 4 10.10 4.06 -1.67
C THR A 4 8.75 3.63 -2.24
N THR A 5 8.62 2.35 -2.54
CA THR A 5 7.44 1.74 -3.11
C THR A 5 7.08 0.51 -2.32
N CYS A 6 5.84 0.06 -2.41
CA CYS A 6 5.48 -1.13 -1.72
C CYS A 6 6.26 -2.25 -2.38
N GLY A 7 6.88 -3.13 -1.60
CA GLY A 7 7.68 -4.27 -2.05
C GLY A 7 7.08 -5.10 -3.18
N CYS A 8 5.76 -5.04 -3.39
CA CYS A 8 5.11 -5.77 -4.48
C CYS A 8 5.47 -5.13 -5.84
N GLY A 9 6.02 -3.91 -5.83
CA GLY A 9 6.44 -3.10 -6.96
C GLY A 9 5.49 -1.97 -7.30
N GLU A 10 4.92 -1.23 -6.34
CA GLU A 10 4.01 -0.14 -6.62
C GLU A 10 3.98 0.92 -5.53
N HIS A 11 3.88 2.19 -5.93
CA HIS A 11 3.76 3.32 -5.00
C HIS A 11 2.42 3.12 -4.27
N CYS A 12 2.45 2.98 -2.94
CA CYS A 12 1.27 2.77 -2.09
C CYS A 12 1.54 3.50 -0.77
N GLY A 13 0.54 3.63 0.10
CA GLY A 13 0.66 4.39 1.35
C GLY A 13 1.63 3.91 2.43
N CYS A 14 1.99 2.64 2.33
CA CYS A 14 2.89 2.00 3.29
C CYS A 14 4.36 2.34 3.09
N ASN A 15 4.68 3.14 2.09
CA ASN A 15 6.06 3.54 1.84
C ASN A 15 6.12 5.04 1.64
N PRO A 16 6.15 5.83 2.72
CA PRO A 16 6.22 7.28 2.65
C PRO A 16 7.60 7.67 2.14
N CYS A 17 7.62 7.98 0.85
CA CYS A 17 8.76 8.38 0.05
C CYS A 17 8.87 9.88 -0.06
N ALA A 18 9.91 10.33 -0.77
CA ALA A 18 10.27 11.71 -1.10
C ALA A 18 9.15 12.49 -1.80
N CYS A 19 8.09 11.80 -2.26
CA CYS A 19 6.91 12.35 -2.91
C CYS A 19 5.60 11.91 -2.25
N GLY A 20 5.63 10.96 -1.32
CA GLY A 20 4.48 10.40 -0.58
C GLY A 20 3.32 9.86 -1.43
N ARG A 21 3.49 9.73 -2.76
CA ARG A 21 2.46 9.27 -3.68
C ARG A 21 2.02 7.84 -3.38
N GLU A 22 0.72 7.56 -3.50
CA GLU A 22 0.18 6.23 -3.26
C GLU A 22 -0.80 5.76 -4.34
N GLY A 23 -1.10 6.59 -5.33
CA GLY A 23 -2.03 6.25 -6.40
C GLY A 23 -3.46 6.54 -5.97
N THR A 24 -4.42 5.93 -6.66
CA THR A 24 -5.85 6.09 -6.35
C THR A 24 -6.28 4.83 -5.60
N PRO A 25 -6.28 4.88 -4.26
CA PRO A 25 -6.67 3.75 -3.48
C PRO A 25 -8.18 3.56 -3.50
N SER A 26 -8.60 2.33 -3.25
CA SER A 26 -10.00 1.94 -3.19
C SER A 26 -10.18 0.85 -2.13
N GLY A 27 -9.24 0.76 -1.18
CA GLY A 27 -9.22 -0.19 -0.08
C GLY A 27 -10.20 0.20 1.02
N ARG A 28 -11.37 0.72 0.66
CA ARG A 28 -12.49 1.16 1.52
C ARG A 28 -13.21 -0.03 2.16
N ALA A 29 -12.44 -1.00 2.65
CA ALA A 29 -12.87 -2.21 3.29
C ALA A 29 -12.00 -2.35 4.53
N ASN A 30 -11.61 -3.57 4.85
CA ASN A 30 -10.78 -3.90 5.99
C ASN A 30 -9.35 -3.35 5.89
N ARG A 31 -9.00 -2.56 4.85
CA ARG A 31 -7.66 -1.99 4.68
C ARG A 31 -7.66 -0.60 5.29
N ARG A 32 -6.54 0.12 5.19
CA ARG A 32 -6.42 1.47 5.75
C ARG A 32 -7.04 2.54 4.86
N ALA A 33 -7.77 2.18 3.80
CA ALA A 33 -8.36 3.09 2.80
C ALA A 33 -7.25 3.83 2.02
N ASN A 34 -5.98 3.59 2.36
CA ASN A 34 -4.76 4.15 1.81
C ASN A 34 -3.94 3.09 1.05
N CYS A 35 -4.56 1.93 0.77
CA CYS A 35 -3.92 0.89 0.00
C CYS A 35 -4.51 0.88 -1.41
N SER A 36 -3.67 1.11 -2.42
CA SER A 36 -4.03 1.12 -3.84
C SER A 36 -3.55 -0.17 -4.52
N CYS A 37 -2.94 -1.12 -3.78
CA CYS A 37 -2.48 -2.37 -4.40
C CYS A 37 -3.66 -3.20 -4.96
N GLY A 38 -3.36 -4.18 -5.80
CA GLY A 38 -4.32 -5.08 -6.40
C GLY A 38 -3.63 -6.25 -7.10
N ALA A 39 -2.29 -6.21 -7.26
CA ALA A 39 -1.51 -7.25 -7.89
C ALA A 39 -0.48 -7.76 -6.90
N ALA A 40 -0.43 -9.09 -6.82
CA ALA A 40 0.41 -10.00 -6.03
C ALA A 40 1.16 -9.30 -4.91
N CYS A 41 0.42 -8.82 -3.90
CA CYS A 41 1.01 -8.15 -2.77
C CYS A 41 0.93 -8.98 -1.51
N ASN A 42 2.10 -9.32 -0.97
CA ASN A 42 2.26 -10.08 0.25
C ASN A 42 2.87 -9.24 1.36
N CYS A 43 3.10 -7.94 1.10
CA CYS A 43 3.65 -7.03 2.11
C CYS A 43 2.76 -7.06 3.35
N ALA A 44 3.27 -7.45 4.52
CA ALA A 44 2.50 -7.49 5.74
C ALA A 44 1.93 -6.11 6.07
N SER A 45 2.67 -5.03 5.78
CA SER A 45 2.21 -3.67 6.06
C SER A 45 0.93 -3.34 5.28
N CYS A 46 0.62 -4.13 4.24
CA CYS A 46 -0.60 -3.98 3.48
C CYS A 46 -1.53 -5.21 3.71
N GLY A 47 -1.02 -6.34 4.20
CA GLY A 47 -1.77 -7.54 4.49
C GLY A 47 -2.80 -7.36 5.61
N SER A 48 -2.48 -6.54 6.61
CA SER A 48 -3.30 -6.20 7.77
C SER A 48 -4.74 -5.91 7.39
N ALA A 49 -5.66 -6.64 8.03
CA ALA A 49 -7.10 -6.57 7.88
C ALA A 49 -7.74 -7.27 9.10
N THR A 50 -7.32 -6.88 10.31
CA THR A 50 -7.81 -7.44 11.56
C THR A 50 -8.08 -6.37 12.62
N ALA A 51 -8.50 -5.17 12.20
CA ALA A 51 -8.80 -4.07 13.12
C ALA A 51 -10.00 -4.48 13.99
N PRO A 52 -10.12 -3.94 15.22
CA PRO A 52 -11.23 -4.24 16.11
C PRO A 52 -12.52 -3.75 15.48
N GLY A 53 -13.47 -4.66 15.26
CA GLY A 53 -14.75 -4.37 14.66
C GLY A 53 -15.65 -3.77 15.71
ZN ZN B . 7.37 8.43 -4.42
ZN ZN C . 1.58 -3.68 -2.29
ZN ZN D . 2.53 -2.34 1.13
ZN ZN E . -0.78 -1.50 -0.53
N GLY A 1 18.24 4.30 -8.63
CA GLY A 1 17.30 3.18 -8.49
C GLY A 1 15.85 3.65 -8.49
N GLU A 2 14.95 2.81 -7.98
CA GLU A 2 13.51 3.00 -7.85
C GLU A 2 13.16 3.94 -6.68
N HIS A 3 11.89 4.36 -6.59
CA HIS A 3 11.44 5.23 -5.48
C HIS A 3 11.07 4.35 -4.30
N THR A 4 10.75 4.92 -3.12
CA THR A 4 10.34 4.07 -2.01
C THR A 4 8.93 3.64 -2.42
N THR A 5 8.80 2.41 -2.88
CA THR A 5 7.56 1.80 -3.33
C THR A 5 7.37 0.51 -2.57
N CYS A 6 6.11 0.11 -2.45
CA CYS A 6 5.76 -1.12 -1.79
C CYS A 6 6.46 -2.20 -2.58
N GLY A 7 7.07 -3.16 -1.90
CA GLY A 7 7.79 -4.28 -2.52
C GLY A 7 7.01 -4.96 -3.64
N CYS A 8 5.67 -4.87 -3.67
CA CYS A 8 4.88 -5.45 -4.74
C CYS A 8 5.07 -4.71 -6.09
N GLY A 9 5.77 -3.57 -6.08
CA GLY A 9 6.12 -2.70 -7.19
C GLY A 9 5.28 -1.43 -7.36
N GLU A 10 4.61 -0.93 -6.31
CA GLU A 10 3.79 0.26 -6.46
C GLU A 10 3.86 1.24 -5.29
N HIS A 11 3.62 2.50 -5.63
CA HIS A 11 3.58 3.62 -4.71
C HIS A 11 2.40 3.39 -3.75
N CYS A 12 2.67 3.19 -2.46
CA CYS A 12 1.64 2.93 -1.45
C CYS A 12 1.95 3.75 -0.21
N GLY A 13 0.92 3.96 0.64
CA GLY A 13 1.13 4.75 1.85
C GLY A 13 2.12 4.10 2.82
N CYS A 14 2.32 2.79 2.68
CA CYS A 14 3.20 1.98 3.49
C CYS A 14 4.67 2.21 3.17
N ASN A 15 5.00 3.06 2.20
CA ASN A 15 6.37 3.34 1.81
C ASN A 15 6.57 4.86 1.69
N PRO A 16 6.89 5.55 2.79
CA PRO A 16 7.12 6.99 2.80
C PRO A 16 8.36 7.35 1.98
N CYS A 17 8.17 8.09 0.88
CA CYS A 17 9.21 8.56 -0.01
C CYS A 17 9.14 10.06 -0.11
N ALA A 18 10.20 10.67 -0.65
CA ALA A 18 10.37 12.09 -0.88
C ALA A 18 9.22 12.73 -1.70
N CYS A 19 8.47 11.93 -2.46
CA CYS A 19 7.34 12.43 -3.27
C CYS A 19 6.00 12.21 -2.57
N GLY A 20 5.93 11.30 -1.60
CA GLY A 20 4.74 10.96 -0.81
C GLY A 20 3.48 10.82 -1.66
N ARG A 21 3.56 10.00 -2.72
CA ARG A 21 2.48 9.74 -3.65
C ARG A 21 1.95 8.35 -3.42
N GLU A 22 0.65 8.16 -3.52
CA GLU A 22 -0.02 6.90 -3.28
C GLU A 22 -1.41 7.05 -3.89
N GLY A 23 -1.65 6.42 -5.05
CA GLY A 23 -2.89 6.45 -5.82
C GLY A 23 -4.19 6.13 -5.05
N THR A 24 -5.31 6.08 -5.78
CA THR A 24 -6.62 5.80 -5.22
C THR A 24 -6.62 4.53 -4.37
N PRO A 25 -7.01 4.60 -3.10
CA PRO A 25 -7.04 3.46 -2.21
C PRO A 25 -8.18 2.51 -2.62
N SER A 26 -7.99 1.21 -2.44
CA SER A 26 -8.98 0.18 -2.78
C SER A 26 -10.07 0.10 -1.70
N GLY A 27 -10.97 1.09 -1.70
CA GLY A 27 -12.08 1.23 -0.76
C GLY A 27 -13.02 0.03 -0.64
N ARG A 28 -13.08 -0.81 -1.67
CA ARG A 28 -13.92 -2.02 -1.66
C ARG A 28 -13.38 -3.14 -0.77
N ALA A 29 -12.28 -2.89 -0.06
CA ALA A 29 -11.62 -3.83 0.83
C ALA A 29 -11.24 -3.06 2.10
N ASN A 30 -11.07 -3.79 3.20
CA ASN A 30 -10.71 -3.32 4.56
C ASN A 30 -9.29 -2.75 4.72
N ARG A 31 -8.78 -1.98 3.75
CA ARG A 31 -7.44 -1.40 3.83
C ARG A 31 -7.40 -0.27 4.88
N ARG A 32 -6.28 0.48 4.90
CA ARG A 32 -6.01 1.60 5.81
C ARG A 32 -6.35 2.96 5.21
N ALA A 33 -7.17 2.99 4.17
CA ALA A 33 -7.61 4.18 3.43
C ALA A 33 -6.48 4.82 2.60
N ASN A 34 -5.27 4.24 2.65
CA ASN A 34 -4.07 4.70 1.96
C ASN A 34 -3.35 3.60 1.19
N CYS A 35 -4.04 2.50 0.92
CA CYS A 35 -3.47 1.38 0.18
C CYS A 35 -4.17 1.10 -1.15
N SER A 36 -3.66 1.69 -2.22
CA SER A 36 -4.15 1.54 -3.60
C SER A 36 -3.88 0.18 -4.22
N CYS A 37 -2.99 -0.60 -3.59
CA CYS A 37 -2.58 -1.94 -4.03
C CYS A 37 -3.73 -2.88 -4.38
N GLY A 38 -3.37 -3.92 -5.14
CA GLY A 38 -4.21 -4.99 -5.59
C GLY A 38 -3.83 -6.25 -4.82
N ALA A 39 -4.25 -7.39 -5.36
CA ALA A 39 -4.05 -8.73 -4.84
C ALA A 39 -2.62 -9.27 -4.88
N ALA A 40 -1.84 -8.97 -5.93
CA ALA A 40 -0.47 -9.43 -6.14
C ALA A 40 0.53 -8.76 -5.19
N CYS A 41 0.19 -8.60 -3.92
CA CYS A 41 1.04 -7.97 -2.93
C CYS A 41 1.01 -8.67 -1.59
N ASN A 42 2.14 -9.24 -1.18
CA ASN A 42 2.22 -9.92 0.10
C ASN A 42 2.81 -9.06 1.23
N CYS A 43 3.17 -7.78 0.97
CA CYS A 43 3.72 -6.90 2.02
C CYS A 43 2.85 -6.96 3.28
N ALA A 44 3.40 -7.40 4.42
CA ALA A 44 2.67 -7.49 5.69
C ALA A 44 2.00 -6.17 6.04
N SER A 45 2.66 -5.03 5.81
CA SER A 45 2.08 -3.71 6.12
C SER A 45 0.81 -3.44 5.31
N CYS A 46 0.57 -4.20 4.24
CA CYS A 46 -0.64 -4.10 3.44
C CYS A 46 -1.62 -5.25 3.70
N GLY A 47 -1.14 -6.43 4.11
CA GLY A 47 -2.00 -7.58 4.37
C GLY A 47 -2.68 -7.41 5.71
N SER A 48 -1.87 -7.23 6.76
CA SER A 48 -2.31 -7.06 8.14
C SER A 48 -3.08 -5.74 8.23
N ALA A 49 -4.41 -5.84 8.26
CA ALA A 49 -5.32 -4.70 8.33
C ALA A 49 -6.44 -4.90 9.36
N THR A 50 -6.78 -6.13 9.70
CA THR A 50 -7.80 -6.49 10.66
C THR A 50 -7.28 -7.78 11.33
N ALA A 51 -7.72 -8.07 12.55
CA ALA A 51 -7.32 -9.26 13.29
C ALA A 51 -8.51 -9.78 14.08
N PRO A 52 -8.60 -11.11 14.32
CA PRO A 52 -9.67 -11.75 15.08
C PRO A 52 -9.49 -11.53 16.59
N GLY A 53 -9.22 -10.30 17.00
CA GLY A 53 -9.01 -9.90 18.38
C GLY A 53 -8.91 -8.41 18.44
ZN ZN B . 7.53 8.29 -4.41
ZN ZN C . 1.56 -3.42 -2.37
ZN ZN D . 2.72 -2.34 1.16
ZN ZN E . -0.49 -1.29 -0.23
N GLY A 1 15.35 7.75 -12.61
CA GLY A 1 14.96 7.86 -11.21
C GLY A 1 14.09 6.68 -10.78
N GLU A 2 14.02 6.44 -9.48
CA GLU A 2 13.24 5.38 -8.83
C GLU A 2 12.78 5.91 -7.48
N HIS A 3 11.77 5.30 -6.84
CA HIS A 3 11.24 5.74 -5.55
C HIS A 3 11.01 4.58 -4.61
N THR A 4 10.76 4.93 -3.34
CA THR A 4 10.49 3.96 -2.29
C THR A 4 9.07 3.47 -2.63
N THR A 5 8.92 2.17 -2.88
CA THR A 5 7.65 1.56 -3.23
C THR A 5 7.36 0.32 -2.41
N CYS A 6 6.09 -0.06 -2.40
CA CYS A 6 5.64 -1.27 -1.74
C CYS A 6 6.44 -2.38 -2.39
N GLY A 7 6.91 -3.37 -1.61
CA GLY A 7 7.70 -4.50 -2.10
C GLY A 7 7.07 -5.19 -3.32
N CYS A 8 5.74 -5.08 -3.46
CA CYS A 8 5.00 -5.64 -4.58
C CYS A 8 5.21 -4.89 -5.91
N GLY A 9 6.11 -3.92 -5.91
CA GLY A 9 6.53 -3.07 -7.01
C GLY A 9 5.43 -2.07 -7.32
N GLU A 10 5.06 -1.26 -6.32
CA GLU A 10 4.00 -0.29 -6.46
C GLU A 10 4.05 0.82 -5.42
N HIS A 11 3.75 2.06 -5.84
CA HIS A 11 3.67 3.21 -4.95
C HIS A 11 2.48 2.98 -4.01
N CYS A 12 2.69 2.92 -2.69
CA CYS A 12 1.60 2.69 -1.74
C CYS A 12 1.88 3.48 -0.47
N GLY A 13 0.82 3.78 0.30
CA GLY A 13 0.93 4.58 1.53
C GLY A 13 1.80 3.98 2.62
N CYS A 14 2.14 2.71 2.46
CA CYS A 14 2.97 1.96 3.38
C CYS A 14 4.45 2.16 3.11
N ASN A 15 4.82 2.95 2.12
CA ASN A 15 6.20 3.23 1.76
C ASN A 15 6.32 4.74 1.57
N PRO A 16 6.41 5.52 2.67
CA PRO A 16 6.55 6.96 2.60
C PRO A 16 7.86 7.23 1.86
N CYS A 17 7.71 7.69 0.62
CA CYS A 17 8.74 8.06 -0.32
C CYS A 17 8.81 9.57 -0.36
N ALA A 18 9.74 10.13 -1.14
CA ALA A 18 9.91 11.58 -1.29
C ALA A 18 8.67 12.33 -1.82
N CYS A 19 7.68 11.59 -2.35
CA CYS A 19 6.41 12.13 -2.85
C CYS A 19 5.20 11.66 -2.07
N GLY A 20 5.36 10.62 -1.23
CA GLY A 20 4.32 10.05 -0.38
C GLY A 20 3.06 9.55 -1.09
N ARG A 21 3.10 9.34 -2.40
CA ARG A 21 1.95 8.90 -3.20
C ARG A 21 1.51 7.48 -2.88
N GLU A 22 0.25 7.33 -2.50
CA GLU A 22 -0.36 6.05 -2.17
C GLU A 22 -0.93 5.35 -3.41
N GLY A 23 -1.09 6.09 -4.51
CA GLY A 23 -1.59 5.60 -5.79
C GLY A 23 -3.12 5.53 -5.92
N THR A 24 -3.86 6.40 -5.27
CA THR A 24 -5.32 6.48 -5.26
C THR A 24 -5.92 5.20 -4.65
N PRO A 25 -6.22 5.21 -3.34
CA PRO A 25 -6.79 4.04 -2.68
C PRO A 25 -8.21 3.78 -3.23
N SER A 26 -8.49 2.51 -3.56
CA SER A 26 -9.77 2.04 -4.08
C SER A 26 -10.91 2.20 -3.04
N GLY A 27 -10.59 2.27 -1.74
CA GLY A 27 -11.50 2.44 -0.62
C GLY A 27 -12.47 1.30 -0.29
N ARG A 28 -12.81 0.40 -1.23
CA ARG A 28 -13.76 -0.71 -1.05
C ARG A 28 -13.15 -1.90 -0.32
N ALA A 29 -12.40 -1.64 0.76
CA ALA A 29 -11.80 -2.70 1.55
C ALA A 29 -11.56 -2.24 2.98
N ASN A 30 -11.36 -3.21 3.88
CA ASN A 30 -11.09 -3.02 5.31
C ASN A 30 -9.66 -2.53 5.61
N ARG A 31 -8.91 -2.15 4.57
CA ARG A 31 -7.53 -1.64 4.64
C ARG A 31 -7.52 -0.28 5.34
N ARG A 32 -6.34 0.34 5.43
CA ARG A 32 -6.14 1.64 6.08
C ARG A 32 -6.61 2.84 5.23
N ALA A 33 -7.47 2.59 4.25
CA ALA A 33 -8.04 3.58 3.32
C ALA A 33 -6.97 4.33 2.51
N ASN A 34 -5.70 3.89 2.57
CA ASN A 34 -4.55 4.49 1.89
C ASN A 34 -3.79 3.43 1.07
N CYS A 35 -4.30 2.20 0.98
CA CYS A 35 -3.65 1.17 0.21
C CYS A 35 -4.37 0.94 -1.12
N SER A 36 -3.69 1.32 -2.22
CA SER A 36 -4.18 1.18 -3.59
C SER A 36 -3.86 -0.20 -4.22
N CYS A 37 -3.07 -1.02 -3.50
CA CYS A 37 -2.68 -2.37 -3.98
C CYS A 37 -3.88 -3.21 -4.45
N GLY A 38 -3.62 -4.22 -5.28
CA GLY A 38 -4.62 -5.11 -5.83
C GLY A 38 -3.96 -6.26 -6.60
N ALA A 39 -2.64 -6.48 -6.42
CA ALA A 39 -1.93 -7.55 -7.09
C ALA A 39 -0.89 -8.14 -6.15
N ALA A 40 -0.99 -9.46 -5.97
CA ALA A 40 -0.22 -10.43 -5.18
C ALA A 40 0.77 -9.75 -4.21
N CYS A 41 0.23 -9.00 -3.25
CA CYS A 41 1.02 -8.29 -2.28
C CYS A 41 1.28 -9.05 -0.98
N ASN A 42 2.49 -9.57 -0.83
CA ASN A 42 2.80 -10.28 0.42
C ASN A 42 3.15 -9.30 1.54
N CYS A 43 3.51 -8.05 1.19
CA CYS A 43 3.90 -7.00 2.17
C CYS A 43 3.05 -6.99 3.43
N ALA A 44 3.65 -7.25 4.59
CA ALA A 44 2.99 -7.25 5.91
C ALA A 44 2.16 -6.00 6.07
N SER A 45 2.77 -4.84 5.76
CA SER A 45 2.17 -3.52 5.87
C SER A 45 0.89 -3.37 5.04
N CYS A 46 0.67 -4.29 4.10
CA CYS A 46 -0.51 -4.36 3.24
C CYS A 46 -1.40 -5.57 3.51
N GLY A 47 -0.88 -6.70 4.01
CA GLY A 47 -1.73 -7.86 4.30
C GLY A 47 -2.42 -7.70 5.66
N SER A 48 -1.87 -6.93 6.60
CA SER A 48 -2.48 -6.72 7.91
C SER A 48 -3.57 -5.64 7.86
N ALA A 49 -4.42 -5.58 8.88
CA ALA A 49 -5.50 -4.61 9.04
C ALA A 49 -6.11 -4.74 10.44
N THR A 50 -6.83 -5.84 10.70
CA THR A 50 -7.50 -6.07 11.99
C THR A 50 -6.92 -7.23 12.79
N ALA A 51 -6.26 -8.20 12.13
CA ALA A 51 -5.65 -9.40 12.71
C ALA A 51 -6.68 -10.29 13.43
N PRO A 52 -6.31 -11.52 13.84
CA PRO A 52 -7.21 -12.42 14.55
C PRO A 52 -7.36 -11.99 16.03
N GLY A 53 -6.70 -10.91 16.45
CA GLY A 53 -6.74 -10.37 17.80
C GLY A 53 -6.43 -8.90 17.69
ZN ZN B . 6.97 8.33 -4.58
ZN ZN C . 1.44 -3.80 -2.31
ZN ZN D . 2.63 -2.37 1.07
ZN ZN E . -0.64 -1.51 -0.36
N GLY A 1 15.71 5.12 -12.46
CA GLY A 1 15.73 5.45 -11.04
C GLY A 1 14.57 4.80 -10.33
N GLU A 2 14.66 4.63 -9.01
CA GLU A 2 13.60 4.01 -8.21
C GLU A 2 13.11 4.94 -7.11
N HIS A 3 11.96 4.57 -6.54
CA HIS A 3 11.29 5.27 -5.47
C HIS A 3 10.99 4.31 -4.33
N THR A 4 10.67 4.84 -3.16
CA THR A 4 10.33 4.00 -2.03
C THR A 4 8.96 3.45 -2.41
N THR A 5 8.90 2.16 -2.72
CA THR A 5 7.68 1.52 -3.10
C THR A 5 7.50 0.27 -2.31
N CYS A 6 6.22 -0.06 -2.15
CA CYS A 6 5.90 -1.29 -1.46
C CYS A 6 6.48 -2.44 -2.23
N GLY A 7 7.20 -3.33 -1.55
CA GLY A 7 7.85 -4.55 -2.04
C GLY A 7 7.06 -5.29 -3.12
N CYS A 8 5.70 -5.23 -3.12
CA CYS A 8 4.97 -5.90 -4.21
C CYS A 8 5.23 -5.21 -5.56
N GLY A 9 5.93 -4.08 -5.56
CA GLY A 9 6.31 -3.23 -6.65
C GLY A 9 5.18 -2.26 -6.95
N GLU A 10 4.70 -1.49 -5.95
CA GLU A 10 3.63 -0.55 -6.19
C GLU A 10 3.63 0.50 -5.08
N HIS A 11 3.66 1.79 -5.45
CA HIS A 11 3.66 2.93 -4.56
C HIS A 11 2.58 2.80 -3.48
N CYS A 12 2.95 3.03 -2.20
CA CYS A 12 2.00 2.94 -1.10
C CYS A 12 2.35 3.77 0.14
N GLY A 13 1.38 4.00 1.05
CA GLY A 13 1.63 4.77 2.28
C GLY A 13 2.61 4.05 3.18
N CYS A 14 2.71 2.72 3.00
CA CYS A 14 3.61 1.88 3.74
C CYS A 14 5.07 2.08 3.30
N ASN A 15 5.29 3.01 2.37
CA ASN A 15 6.56 3.38 1.81
C ASN A 15 6.57 4.89 1.59
N PRO A 16 6.82 5.69 2.64
CA PRO A 16 6.86 7.13 2.53
C PRO A 16 8.04 7.49 1.63
N CYS A 17 7.76 8.06 0.46
CA CYS A 17 8.74 8.44 -0.52
C CYS A 17 8.75 9.95 -0.71
N ALA A 18 9.78 10.44 -1.38
CA ALA A 18 10.02 11.85 -1.71
C ALA A 18 8.92 12.52 -2.55
N CYS A 19 7.99 11.74 -3.09
CA CYS A 19 6.86 12.19 -3.90
C CYS A 19 5.51 11.93 -3.23
N GLY A 20 5.47 11.05 -2.22
CA GLY A 20 4.25 10.68 -1.49
C GLY A 20 3.08 10.22 -2.37
N ARG A 21 3.36 9.76 -3.60
CA ARG A 21 2.33 9.32 -4.53
C ARG A 21 1.74 8.01 -4.06
N GLU A 22 0.42 7.92 -4.06
CA GLU A 22 -0.33 6.76 -3.65
C GLU A 22 -1.61 6.81 -4.48
N GLY A 23 -1.87 5.78 -5.30
CA GLY A 23 -3.07 5.72 -6.12
C GLY A 23 -4.33 5.62 -5.26
N THR A 24 -5.46 5.39 -5.91
CA THR A 24 -6.77 5.25 -5.29
C THR A 24 -6.77 4.23 -4.16
N PRO A 25 -6.82 4.66 -2.89
CA PRO A 25 -6.85 3.73 -1.77
C PRO A 25 -8.19 3.02 -1.86
N SER A 26 -8.16 1.75 -2.23
CA SER A 26 -9.34 0.92 -2.39
C SER A 26 -9.96 0.67 -1.02
N GLY A 27 -10.92 1.52 -0.65
CA GLY A 27 -11.63 1.43 0.62
C GLY A 27 -12.35 0.08 0.68
N ARG A 28 -12.75 -0.47 -0.47
CA ARG A 28 -13.45 -1.75 -0.59
C ARG A 28 -12.63 -2.96 -0.13
N ALA A 29 -11.39 -2.74 0.31
CA ALA A 29 -10.49 -3.78 0.79
C ALA A 29 -10.36 -3.79 2.31
N ASN A 30 -11.04 -2.89 3.01
CA ASN A 30 -11.02 -2.77 4.47
C ASN A 30 -9.61 -2.53 5.02
N ARG A 31 -8.73 -1.92 4.22
CA ARG A 31 -7.35 -1.62 4.62
C ARG A 31 -7.33 -0.27 5.35
N ARG A 32 -6.16 0.35 5.53
CA ARG A 32 -6.03 1.61 6.26
C ARG A 32 -6.60 2.86 5.57
N ALA A 33 -7.22 2.73 4.39
CA ALA A 33 -7.74 3.84 3.59
C ALA A 33 -6.56 4.60 2.95
N ASN A 34 -5.35 4.03 3.06
CA ASN A 34 -4.10 4.57 2.56
C ASN A 34 -3.35 3.55 1.71
N CYS A 35 -3.98 2.42 1.36
CA CYS A 35 -3.38 1.43 0.51
C CYS A 35 -4.17 1.23 -0.80
N SER A 36 -3.57 1.61 -1.91
CA SER A 36 -4.12 1.45 -3.25
C SER A 36 -3.61 0.15 -3.89
N CYS A 37 -2.46 -0.33 -3.37
CA CYS A 37 -1.76 -1.51 -3.82
C CYS A 37 -2.12 -2.80 -3.14
N GLY A 38 -2.83 -3.61 -3.89
CA GLY A 38 -3.38 -4.90 -3.59
C GLY A 38 -2.81 -5.90 -4.58
N ALA A 39 -2.41 -5.45 -5.77
CA ALA A 39 -1.81 -6.26 -6.81
C ALA A 39 -0.67 -7.03 -6.15
N ALA A 40 -0.94 -8.33 -6.00
CA ALA A 40 -0.12 -9.39 -5.39
C ALA A 40 0.69 -8.75 -4.26
N CYS A 41 -0.05 -8.14 -3.32
CA CYS A 41 0.47 -7.40 -2.21
C CYS A 41 0.58 -8.10 -0.86
N ASN A 42 1.57 -8.96 -0.78
CA ASN A 42 1.95 -9.78 0.38
C ASN A 42 2.37 -9.03 1.62
N CYS A 43 2.78 -7.77 1.48
CA CYS A 43 3.21 -6.94 2.61
C CYS A 43 2.19 -6.90 3.74
N ALA A 44 2.57 -7.26 4.97
CA ALA A 44 1.72 -7.26 6.16
C ALA A 44 1.09 -5.88 6.37
N SER A 45 1.88 -4.83 6.16
CA SER A 45 1.48 -3.43 6.27
C SER A 45 0.39 -3.10 5.23
N CYS A 46 0.19 -3.96 4.22
CA CYS A 46 -0.87 -3.83 3.23
C CYS A 46 -2.00 -4.78 3.59
N GLY A 47 -1.72 -6.01 4.02
CA GLY A 47 -2.79 -6.92 4.42
C GLY A 47 -3.51 -7.56 3.25
N SER A 48 -2.76 -7.88 2.19
CA SER A 48 -3.21 -8.53 0.96
C SER A 48 -4.61 -8.09 0.54
N ALA A 49 -4.72 -6.88 -0.04
CA ALA A 49 -6.00 -6.34 -0.50
C ALA A 49 -6.46 -7.16 -1.71
N THR A 50 -7.36 -8.10 -1.46
CA THR A 50 -7.96 -9.02 -2.42
C THR A 50 -9.36 -9.37 -1.88
N ALA A 51 -10.17 -10.06 -2.67
CA ALA A 51 -11.52 -10.48 -2.34
C ALA A 51 -11.83 -11.78 -3.10
N PRO A 52 -12.75 -12.61 -2.58
CA PRO A 52 -13.14 -13.86 -3.20
C PRO A 52 -13.72 -13.57 -4.59
N GLY A 53 -13.07 -14.14 -5.59
CA GLY A 53 -13.37 -14.05 -7.00
C GLY A 53 -12.51 -15.12 -7.59
ZN ZN B . 7.18 8.03 -4.86
ZN ZN C . 1.87 -3.40 -1.97
ZN ZN D . 2.78 -2.41 1.46
ZN ZN E . -0.24 -1.06 -0.15
N GLY A 1 17.57 3.06 -8.91
CA GLY A 1 17.23 4.43 -8.51
C GLY A 1 15.74 4.68 -8.34
N GLU A 2 14.93 3.70 -7.92
CA GLU A 2 13.50 3.91 -7.75
C GLU A 2 13.21 4.57 -6.41
N HIS A 3 11.97 5.01 -6.23
CA HIS A 3 11.52 5.64 -5.00
C HIS A 3 11.21 4.58 -3.96
N THR A 4 10.75 5.03 -2.79
CA THR A 4 10.37 4.12 -1.72
C THR A 4 9.02 3.60 -2.21
N THR A 5 8.96 2.33 -2.59
CA THR A 5 7.75 1.69 -3.08
C THR A 5 7.51 0.42 -2.31
N CYS A 6 6.25 0.01 -2.25
CA CYS A 6 5.84 -1.19 -1.59
C CYS A 6 6.57 -2.36 -2.23
N GLY A 7 6.89 -3.39 -1.45
CA GLY A 7 7.60 -4.61 -1.86
C GLY A 7 7.05 -5.30 -3.13
N CYS A 8 5.84 -4.92 -3.57
CA CYS A 8 5.20 -5.43 -4.77
C CYS A 8 5.50 -4.58 -6.02
N GLY A 9 6.39 -3.59 -5.88
CA GLY A 9 6.87 -2.69 -6.90
C GLY A 9 5.97 -1.49 -7.18
N GLU A 10 5.17 -0.99 -6.20
CA GLU A 10 4.31 0.14 -6.45
C GLU A 10 4.25 1.12 -5.29
N HIS A 11 4.03 2.39 -5.63
CA HIS A 11 3.89 3.51 -4.73
C HIS A 11 2.59 3.29 -3.91
N CYS A 12 2.73 3.02 -2.61
CA CYS A 12 1.63 2.77 -1.68
C CYS A 12 1.93 3.56 -0.42
N GLY A 13 0.90 3.81 0.39
CA GLY A 13 1.10 4.62 1.60
C GLY A 13 2.02 4.02 2.64
N CYS A 14 2.17 2.70 2.57
CA CYS A 14 3.00 1.91 3.45
C CYS A 14 4.49 2.10 3.19
N ASN A 15 4.86 2.96 2.23
CA ASN A 15 6.21 3.27 1.85
C ASN A 15 6.31 4.77 1.63
N PRO A 16 6.55 5.55 2.68
CA PRO A 16 6.67 6.98 2.54
C PRO A 16 7.95 7.29 1.74
N CYS A 17 7.84 8.22 0.81
CA CYS A 17 8.91 8.68 -0.05
C CYS A 17 8.90 10.19 -0.09
N ALA A 18 9.95 10.76 -0.67
CA ALA A 18 10.15 12.19 -0.84
C ALA A 18 9.01 12.86 -1.64
N CYS A 19 8.16 12.08 -2.34
CA CYS A 19 7.02 12.59 -3.10
C CYS A 19 5.67 12.17 -2.52
N GLY A 20 5.65 11.24 -1.56
CA GLY A 20 4.44 10.74 -0.89
C GLY A 20 3.28 10.27 -1.79
N ARG A 21 3.56 9.95 -3.05
CA ARG A 21 2.58 9.50 -4.04
C ARG A 21 2.03 8.14 -3.66
N GLU A 22 0.71 8.00 -3.62
CA GLU A 22 0.01 6.77 -3.33
C GLU A 22 -1.27 6.85 -4.13
N GLY A 23 -1.36 6.00 -5.16
CA GLY A 23 -2.50 5.92 -6.06
C GLY A 23 -3.84 5.74 -5.37
N THR A 24 -4.89 5.84 -6.17
CA THR A 24 -6.29 5.73 -5.77
C THR A 24 -6.47 4.45 -4.94
N PRO A 25 -6.77 4.59 -3.63
CA PRO A 25 -6.94 3.48 -2.73
C PRO A 25 -8.23 2.72 -3.00
N SER A 26 -8.16 1.39 -2.85
CA SER A 26 -9.28 0.49 -3.05
C SER A 26 -10.25 0.56 -1.86
N GLY A 27 -11.28 1.42 -1.96
CA GLY A 27 -12.31 1.63 -0.96
C GLY A 27 -13.30 0.49 -1.08
N ARG A 28 -12.86 -0.71 -0.69
CA ARG A 28 -13.63 -1.94 -0.73
C ARG A 28 -13.20 -2.91 0.38
N ALA A 29 -12.54 -2.44 1.44
CA ALA A 29 -12.12 -3.25 2.58
C ALA A 29 -11.59 -2.37 3.71
N ASN A 30 -11.45 -2.99 4.88
CA ASN A 30 -10.96 -2.52 6.17
C ASN A 30 -9.47 -2.12 6.20
N ARG A 31 -8.91 -1.70 5.07
CA ARG A 31 -7.52 -1.29 4.93
C ARG A 31 -7.35 0.13 5.48
N ARG A 32 -6.15 0.69 5.37
CA ARG A 32 -5.78 2.00 5.87
C ARG A 32 -6.30 3.19 5.06
N ALA A 33 -7.18 2.99 4.08
CA ALA A 33 -7.71 4.03 3.20
C ALA A 33 -6.61 4.64 2.32
N ASN A 34 -5.39 4.08 2.35
CA ASN A 34 -4.18 4.48 1.63
C ASN A 34 -3.59 3.36 0.77
N CYS A 35 -4.23 2.18 0.74
CA CYS A 35 -3.71 1.07 -0.04
C CYS A 35 -4.31 1.04 -1.44
N SER A 36 -3.46 1.43 -2.40
CA SER A 36 -3.61 1.55 -3.85
C SER A 36 -3.37 0.23 -4.61
N CYS A 37 -2.73 -0.73 -3.92
CA CYS A 37 -2.39 -2.05 -4.50
C CYS A 37 -3.61 -2.91 -4.91
N GLY A 38 -3.30 -4.12 -5.42
CA GLY A 38 -4.22 -5.14 -5.83
C GLY A 38 -3.83 -6.41 -5.07
N ALA A 39 -4.45 -7.54 -5.45
CA ALA A 39 -4.20 -8.82 -4.83
C ALA A 39 -2.73 -9.24 -4.94
N ALA A 40 -2.04 -8.88 -6.02
CA ALA A 40 -0.64 -9.22 -6.24
C ALA A 40 0.27 -8.34 -5.37
N CYS A 41 0.25 -8.57 -4.06
CA CYS A 41 1.06 -7.87 -3.09
C CYS A 41 1.21 -8.67 -1.80
N ASN A 42 2.40 -9.18 -1.53
CA ASN A 42 2.70 -9.95 -0.32
C ASN A 42 3.14 -9.10 0.86
N CYS A 43 3.36 -7.78 0.68
CA CYS A 43 3.79 -6.88 1.77
C CYS A 43 2.87 -7.03 2.97
N ALA A 44 3.36 -7.53 4.11
CA ALA A 44 2.60 -7.73 5.35
C ALA A 44 1.86 -6.46 5.75
N SER A 45 2.50 -5.29 5.58
CA SER A 45 1.90 -4.01 5.94
C SER A 45 0.62 -3.78 5.11
N CYS A 46 0.50 -4.45 3.97
CA CYS A 46 -0.68 -4.35 3.14
C CYS A 46 -1.67 -5.49 3.36
N GLY A 47 -1.20 -6.71 3.63
CA GLY A 47 -2.10 -7.84 3.83
C GLY A 47 -2.84 -7.68 5.14
N SER A 48 -2.09 -7.56 6.24
CA SER A 48 -2.64 -7.40 7.58
C SER A 48 -3.21 -6.00 7.79
N ALA A 49 -2.48 -4.96 7.37
CA ALA A 49 -2.81 -3.53 7.46
C ALA A 49 -3.04 -2.94 8.85
N THR A 50 -3.33 -3.76 9.85
CA THR A 50 -3.60 -3.41 11.23
C THR A 50 -2.41 -2.78 11.99
N ALA A 51 -1.16 -3.14 11.69
CA ALA A 51 0.04 -2.64 12.39
C ALA A 51 1.29 -2.63 11.50
N PRO A 52 2.34 -1.89 11.89
CA PRO A 52 3.58 -1.84 11.14
C PRO A 52 4.31 -3.18 11.25
N GLY A 53 5.15 -3.48 10.27
CA GLY A 53 5.95 -4.68 10.19
C GLY A 53 6.62 -4.74 8.83
ZN ZN B . 7.45 8.67 -4.61
ZN ZN C . 1.65 -3.50 -2.51
ZN ZN D . 2.54 -2.32 1.04
ZN ZN E . -0.65 -1.48 -0.52
N GLY A 1 18.05 5.23 -8.45
CA GLY A 1 17.14 4.38 -9.24
C GLY A 1 15.68 4.70 -8.97
N GLU A 2 14.98 3.71 -8.43
CA GLU A 2 13.57 3.66 -8.04
C GLU A 2 13.20 4.64 -6.91
N HIS A 3 11.97 4.54 -6.38
CA HIS A 3 11.46 5.36 -5.29
C HIS A 3 11.01 4.45 -4.16
N THR A 4 10.68 5.00 -3.00
CA THR A 4 10.23 4.17 -1.91
C THR A 4 8.84 3.70 -2.35
N THR A 5 8.71 2.39 -2.55
CA THR A 5 7.48 1.75 -2.99
C THR A 5 7.29 0.47 -2.19
N CYS A 6 6.05 0.03 -2.11
CA CYS A 6 5.69 -1.20 -1.42
C CYS A 6 6.49 -2.34 -2.03
N GLY A 7 6.80 -3.38 -1.28
CA GLY A 7 7.56 -4.53 -1.75
C GLY A 7 6.99 -5.14 -3.03
N CYS A 8 5.68 -5.00 -3.27
CA CYS A 8 5.04 -5.53 -4.47
C CYS A 8 5.37 -4.71 -5.74
N GLY A 9 6.09 -3.61 -5.58
CA GLY A 9 6.54 -2.69 -6.61
C GLY A 9 5.51 -1.61 -6.92
N GLU A 10 4.82 -1.03 -5.93
CA GLU A 10 3.82 0.01 -6.17
C GLU A 10 3.86 1.10 -5.10
N HIS A 11 3.66 2.35 -5.52
CA HIS A 11 3.61 3.53 -4.68
C HIS A 11 2.37 3.33 -3.78
N CYS A 12 2.59 3.04 -2.49
CA CYS A 12 1.61 2.81 -1.43
C CYS A 12 2.01 3.65 -0.23
N GLY A 13 1.08 3.84 0.68
CA GLY A 13 1.34 4.68 1.86
C GLY A 13 2.35 4.07 2.82
N CYS A 14 2.46 2.75 2.81
CA CYS A 14 3.35 1.97 3.65
C CYS A 14 4.81 2.14 3.30
N ASN A 15 5.11 2.99 2.33
CA ASN A 15 6.44 3.27 1.88
C ASN A 15 6.50 4.76 1.57
N PRO A 16 6.66 5.61 2.60
CA PRO A 16 6.74 7.04 2.41
C PRO A 16 8.03 7.33 1.64
N CYS A 17 7.91 8.21 0.64
CA CYS A 17 8.97 8.65 -0.24
C CYS A 17 8.92 10.17 -0.33
N ALA A 18 9.97 10.79 -0.90
CA ALA A 18 10.06 12.23 -1.09
C ALA A 18 8.93 12.83 -1.94
N CYS A 19 8.13 12.01 -2.63
CA CYS A 19 7.00 12.46 -3.44
C CYS A 19 5.65 12.09 -2.81
N GLY A 20 5.66 11.17 -1.83
CA GLY A 20 4.52 10.69 -1.08
C GLY A 20 3.36 10.18 -1.93
N ARG A 21 3.60 9.84 -3.20
CA ARG A 21 2.56 9.39 -4.10
C ARG A 21 1.97 8.05 -3.70
N GLU A 22 0.69 7.90 -4.00
CA GLU A 22 -0.14 6.74 -3.79
C GLU A 22 -1.20 6.76 -4.89
N GLY A 23 -1.53 5.61 -5.45
CA GLY A 23 -2.56 5.48 -6.49
C GLY A 23 -3.94 5.48 -5.83
N THR A 24 -5.02 5.28 -6.58
CA THR A 24 -6.38 5.27 -6.03
C THR A 24 -6.53 4.07 -5.09
N PRO A 25 -6.78 4.28 -3.79
CA PRO A 25 -6.91 3.21 -2.81
C PRO A 25 -8.27 2.53 -2.80
N SER A 26 -8.25 1.20 -2.59
CA SER A 26 -9.46 0.40 -2.47
C SER A 26 -9.98 0.70 -1.06
N GLY A 27 -10.87 1.68 -0.91
CA GLY A 27 -11.44 2.07 0.38
C GLY A 27 -12.68 1.24 0.73
N ARG A 28 -13.21 0.47 -0.24
CA ARG A 28 -14.39 -0.37 -0.04
C ARG A 28 -14.07 -1.73 0.58
N ALA A 29 -12.88 -1.90 1.15
CA ALA A 29 -12.45 -3.15 1.76
C ALA A 29 -11.77 -2.81 3.08
N ASN A 30 -11.43 -3.84 3.86
CA ASN A 30 -10.80 -3.71 5.19
C ASN A 30 -9.40 -3.09 5.23
N ARG A 31 -8.87 -2.56 4.13
CA ARG A 31 -7.53 -1.96 4.12
C ARG A 31 -7.58 -0.65 4.91
N ARG A 32 -6.47 0.06 4.95
CA ARG A 32 -6.33 1.33 5.67
C ARG A 32 -6.81 2.55 4.88
N ALA A 33 -7.46 2.37 3.72
CA ALA A 33 -7.90 3.46 2.85
C ALA A 33 -6.69 4.22 2.25
N ASN A 34 -5.47 3.82 2.63
CA ASN A 34 -4.18 4.34 2.19
C ASN A 34 -3.43 3.20 1.47
N CYS A 35 -4.16 2.19 1.00
CA CYS A 35 -3.56 1.09 0.25
C CYS A 35 -4.09 1.10 -1.19
N SER A 36 -3.27 1.62 -2.08
CA SER A 36 -3.42 1.77 -3.53
C SER A 36 -3.12 0.49 -4.31
N CYS A 37 -2.64 -0.52 -3.59
CA CYS A 37 -2.32 -1.83 -4.17
C CYS A 37 -3.55 -2.47 -4.82
N GLY A 38 -3.34 -3.48 -5.66
CA GLY A 38 -4.42 -4.18 -6.34
C GLY A 38 -3.91 -5.54 -6.80
N ALA A 39 -2.63 -5.64 -7.20
CA ALA A 39 -2.04 -6.88 -7.63
C ALA A 39 -1.14 -7.48 -6.55
N ALA A 40 -1.13 -8.82 -6.58
CA ALA A 40 -0.45 -9.84 -5.78
C ALA A 40 0.46 -9.24 -4.72
N CYS A 41 -0.15 -8.69 -3.67
CA CYS A 41 0.62 -8.04 -2.61
C CYS A 41 0.77 -8.80 -1.30
N ASN A 42 1.98 -9.36 -1.10
CA ASN A 42 2.35 -10.08 0.10
C ASN A 42 2.89 -9.15 1.20
N CYS A 43 3.03 -7.83 0.95
CA CYS A 43 3.54 -6.88 1.95
C CYS A 43 2.78 -7.01 3.26
N ALA A 44 3.43 -7.46 4.34
CA ALA A 44 2.85 -7.64 5.66
C ALA A 44 2.04 -6.44 6.12
N SER A 45 2.56 -5.22 5.93
CA SER A 45 1.89 -3.99 6.33
C SER A 45 0.55 -3.81 5.61
N CYS A 46 0.45 -4.35 4.39
CA CYS A 46 -0.77 -4.31 3.57
C CYS A 46 -1.58 -5.60 3.79
N GLY A 47 -0.95 -6.72 4.16
CA GLY A 47 -1.63 -7.96 4.41
C GLY A 47 -2.41 -7.83 5.72
N SER A 48 -1.91 -7.04 6.68
CA SER A 48 -2.56 -6.81 7.95
C SER A 48 -3.54 -5.64 7.84
N ALA A 49 -4.43 -5.60 8.82
CA ALA A 49 -5.50 -4.64 9.04
C ALA A 49 -6.11 -4.78 10.45
N THR A 50 -5.54 -5.63 11.32
CA THR A 50 -6.02 -5.89 12.67
C THR A 50 -4.89 -5.68 13.68
N ALA A 51 -3.81 -6.44 13.54
CA ALA A 51 -2.63 -6.39 14.38
C ALA A 51 -1.67 -5.32 13.86
N PRO A 52 -0.78 -4.81 14.70
CA PRO A 52 0.20 -3.81 14.29
C PRO A 52 1.26 -4.51 13.42
N GLY A 53 1.92 -3.77 12.54
CA GLY A 53 2.96 -4.27 11.64
C GLY A 53 3.58 -3.12 10.90
ZN ZN B . 7.38 8.38 -4.68
ZN ZN C . 1.55 -3.60 -2.25
ZN ZN D . 2.51 -2.29 1.35
ZN ZN E . -0.64 -1.44 -0.28
N GLY A 1 16.63 5.48 -10.93
CA GLY A 1 15.32 6.16 -10.92
C GLY A 1 14.28 5.24 -10.31
N GLU A 2 14.20 5.24 -8.98
CA GLU A 2 13.28 4.43 -8.17
C GLU A 2 12.79 5.30 -7.00
N HIS A 3 12.01 4.74 -6.08
CA HIS A 3 11.50 5.46 -4.92
C HIS A 3 11.18 4.45 -3.82
N THR A 4 10.75 4.94 -2.65
CA THR A 4 10.35 4.07 -1.56
C THR A 4 9.03 3.55 -2.10
N THR A 5 8.97 2.26 -2.43
CA THR A 5 7.79 1.61 -2.96
C THR A 5 7.57 0.33 -2.20
N CYS A 6 6.32 -0.11 -2.17
CA CYS A 6 5.95 -1.35 -1.53
C CYS A 6 6.69 -2.45 -2.26
N GLY A 7 7.18 -3.46 -1.54
CA GLY A 7 7.92 -4.61 -2.08
C GLY A 7 7.29 -5.25 -3.31
N CYS A 8 5.95 -5.10 -3.47
CA CYS A 8 5.23 -5.64 -4.61
C CYS A 8 5.55 -4.89 -5.93
N GLY A 9 6.33 -3.81 -5.84
CA GLY A 9 6.78 -2.94 -6.89
C GLY A 9 5.75 -1.84 -7.17
N GLU A 10 5.12 -1.26 -6.14
CA GLU A 10 4.13 -0.22 -6.32
C GLU A 10 4.19 0.85 -5.25
N HIS A 11 4.01 2.11 -5.66
CA HIS A 11 3.98 3.27 -4.79
C HIS A 11 2.78 3.05 -3.86
N CYS A 12 3.01 2.97 -2.54
CA CYS A 12 1.97 2.76 -1.55
C CYS A 12 2.28 3.58 -0.32
N GLY A 13 1.27 3.75 0.52
CA GLY A 13 1.40 4.57 1.74
C GLY A 13 2.29 3.96 2.79
N CYS A 14 2.42 2.63 2.73
CA CYS A 14 3.24 1.87 3.65
C CYS A 14 4.74 2.06 3.39
N ASN A 15 5.10 2.86 2.39
CA ASN A 15 6.44 3.16 1.99
C ASN A 15 6.47 4.66 1.74
N PRO A 16 6.52 5.49 2.80
CA PRO A 16 6.55 6.92 2.67
C PRO A 16 7.80 7.29 1.87
N CYS A 17 7.62 8.06 0.80
CA CYS A 17 8.67 8.51 -0.07
C CYS A 17 8.69 10.03 -0.12
N ALA A 18 9.73 10.60 -0.71
CA ALA A 18 9.87 12.04 -0.85
C ALA A 18 8.71 12.70 -1.58
N CYS A 19 7.95 11.91 -2.37
CA CYS A 19 6.79 12.40 -3.12
C CYS A 19 5.45 12.01 -2.48
N GLY A 20 5.45 11.11 -1.49
CA GLY A 20 4.28 10.65 -0.75
C GLY A 20 3.07 10.22 -1.59
N ARG A 21 3.31 9.84 -2.84
CA ARG A 21 2.27 9.42 -3.78
C ARG A 21 1.94 7.96 -3.58
N GLU A 22 0.66 7.64 -3.69
CA GLU A 22 0.08 6.32 -3.62
C GLU A 22 -1.18 6.51 -4.44
N GLY A 23 -1.28 5.83 -5.59
CA GLY A 23 -2.42 5.90 -6.52
C GLY A 23 -3.78 5.74 -5.86
N THR A 24 -4.84 5.84 -6.66
CA THR A 24 -6.22 5.73 -6.20
C THR A 24 -6.43 4.45 -5.39
N PRO A 25 -6.86 4.56 -4.12
CA PRO A 25 -7.05 3.42 -3.25
C PRO A 25 -8.34 2.63 -3.43
N SER A 26 -8.42 1.53 -2.70
CA SER A 26 -9.54 0.59 -2.66
C SER A 26 -10.79 1.23 -2.06
N GLY A 27 -10.66 1.93 -0.93
CA GLY A 27 -11.72 2.63 -0.20
C GLY A 27 -12.87 1.79 0.39
N ARG A 28 -13.12 0.57 -0.11
CA ARG A 28 -14.18 -0.34 0.33
C ARG A 28 -13.57 -1.70 0.73
N ALA A 29 -12.51 -1.71 1.54
CA ALA A 29 -11.88 -2.96 1.95
C ALA A 29 -11.12 -2.78 3.25
N ASN A 30 -10.63 -3.89 3.77
CA ASN A 30 -9.87 -4.06 5.01
C ASN A 30 -8.45 -3.47 4.95
N ARG A 31 -8.32 -2.18 4.63
CA ARG A 31 -7.07 -1.44 4.55
C ARG A 31 -7.28 -0.10 5.25
N ARG A 32 -6.20 0.68 5.34
CA ARG A 32 -6.15 2.01 5.94
C ARG A 32 -6.63 3.11 4.98
N ALA A 33 -7.58 2.73 4.14
CA ALA A 33 -8.27 3.46 3.10
C ALA A 33 -7.42 4.09 2.01
N ASN A 34 -6.10 4.13 2.15
CA ASN A 34 -5.20 4.75 1.19
C ASN A 34 -4.37 3.73 0.40
N CYS A 35 -4.33 2.46 0.82
CA CYS A 35 -3.55 1.47 0.10
C CYS A 35 -4.22 1.29 -1.25
N SER A 36 -3.44 1.44 -2.31
CA SER A 36 -3.89 1.31 -3.69
C SER A 36 -3.40 0.05 -4.39
N CYS A 37 -2.68 -0.79 -3.63
CA CYS A 37 -2.19 -2.08 -4.20
C CYS A 37 -3.30 -2.93 -4.85
N GLY A 38 -2.89 -3.93 -5.64
CA GLY A 38 -3.72 -4.88 -6.32
C GLY A 38 -3.56 -6.19 -5.54
N ALA A 39 -4.11 -7.28 -6.08
CA ALA A 39 -4.04 -8.58 -5.43
C ALA A 39 -2.62 -9.16 -5.42
N ALA A 40 -1.78 -8.77 -6.39
CA ALA A 40 -0.40 -9.23 -6.52
C ALA A 40 0.53 -8.60 -5.47
N CYS A 41 0.20 -8.66 -4.19
CA CYS A 41 1.02 -8.11 -3.13
C CYS A 41 0.87 -8.88 -1.83
N ASN A 42 2.01 -9.18 -1.21
CA ASN A 42 2.10 -9.91 0.05
C ASN A 42 2.69 -9.05 1.17
N CYS A 43 3.02 -7.76 0.95
CA CYS A 43 3.58 -6.89 2.01
C CYS A 43 2.75 -7.01 3.27
N ALA A 44 3.32 -7.47 4.38
CA ALA A 44 2.64 -7.63 5.67
C ALA A 44 1.93 -6.34 6.06
N SER A 45 2.57 -5.18 5.84
CA SER A 45 2.03 -3.87 6.17
C SER A 45 0.74 -3.56 5.41
N CYS A 46 0.50 -4.27 4.29
CA CYS A 46 -0.68 -4.13 3.49
C CYS A 46 -1.56 -5.38 3.55
N GLY A 47 -1.09 -6.52 4.06
CA GLY A 47 -1.92 -7.70 4.16
C GLY A 47 -2.77 -7.50 5.40
N SER A 48 -2.12 -7.43 6.56
CA SER A 48 -2.74 -7.26 7.87
C SER A 48 -3.04 -5.78 8.08
N ALA A 49 -4.29 -5.42 8.37
CA ALA A 49 -4.67 -4.02 8.59
C ALA A 49 -5.96 -3.92 9.42
N THR A 50 -5.87 -4.30 10.67
CA THR A 50 -6.97 -4.24 11.63
C THR A 50 -6.51 -3.26 12.69
N ALA A 51 -7.06 -2.04 12.69
CA ALA A 51 -6.72 -0.98 13.63
C ALA A 51 -7.95 -0.10 13.88
N PRO A 52 -7.98 0.64 15.00
CA PRO A 52 -9.09 1.51 15.32
C PRO A 52 -9.19 2.65 14.30
N GLY A 53 -10.43 3.11 14.11
CA GLY A 53 -10.79 4.17 13.20
C GLY A 53 -11.45 3.62 11.95
ZN ZN B . 7.35 8.45 -4.63
ZN ZN C . 1.78 -3.67 -2.26
ZN ZN D . 2.63 -2.33 1.20
ZN ZN E . -0.48 -1.35 -0.49
N GLY A 1 14.69 6.39 -11.22
CA GLY A 1 14.89 5.09 -10.57
C GLY A 1 13.80 4.83 -9.56
N GLU A 2 13.95 3.71 -8.84
CA GLU A 2 13.02 3.26 -7.82
C GLU A 2 12.87 4.29 -6.70
N HIS A 3 11.64 4.49 -6.27
CA HIS A 3 11.23 5.40 -5.20
C HIS A 3 10.79 4.57 -4.01
N THR A 4 10.39 5.20 -2.89
CA THR A 4 9.93 4.40 -1.77
C THR A 4 8.59 3.87 -2.28
N THR A 5 8.49 2.56 -2.43
CA THR A 5 7.32 1.85 -2.93
C THR A 5 7.15 0.56 -2.16
N CYS A 6 5.95 0.00 -2.23
CA CYS A 6 5.66 -1.26 -1.60
C CYS A 6 6.54 -2.29 -2.25
N GLY A 7 7.03 -3.26 -1.50
CA GLY A 7 7.87 -4.33 -2.02
C GLY A 7 7.24 -5.05 -3.20
N CYS A 8 5.91 -5.09 -3.27
CA CYS A 8 5.22 -5.74 -4.41
C CYS A 8 5.57 -5.04 -5.75
N GLY A 9 6.10 -3.81 -5.67
CA GLY A 9 6.56 -2.97 -6.75
C GLY A 9 5.78 -1.68 -7.00
N GLU A 10 4.80 -1.27 -6.19
CA GLU A 10 4.05 -0.06 -6.46
C GLU A 10 4.00 0.95 -5.33
N HIS A 11 3.77 2.19 -5.70
CA HIS A 11 3.63 3.33 -4.81
C HIS A 11 2.33 3.04 -4.04
N CYS A 12 2.46 2.78 -2.75
CA CYS A 12 1.38 2.47 -1.83
C CYS A 12 1.65 3.33 -0.60
N GLY A 13 0.65 3.53 0.24
CA GLY A 13 0.85 4.39 1.39
C GLY A 13 1.84 3.89 2.42
N CYS A 14 2.07 2.58 2.39
CA CYS A 14 2.95 1.84 3.25
C CYS A 14 4.42 2.11 3.02
N ASN A 15 4.75 3.02 2.11
CA ASN A 15 6.11 3.40 1.83
C ASN A 15 6.12 4.90 1.56
N PRO A 16 6.15 5.75 2.61
CA PRO A 16 6.18 7.19 2.44
C PRO A 16 7.47 7.60 1.72
N CYS A 17 7.33 8.38 0.65
CA CYS A 17 8.41 8.87 -0.17
C CYS A 17 8.35 10.39 -0.24
N ALA A 18 9.40 11.01 -0.79
CA ALA A 18 9.49 12.45 -0.96
C ALA A 18 8.44 13.00 -1.94
N CYS A 19 7.70 12.12 -2.63
CA CYS A 19 6.64 12.53 -3.55
C CYS A 19 5.27 12.25 -2.94
N GLY A 20 5.20 11.47 -1.86
CA GLY A 20 3.96 11.14 -1.15
C GLY A 20 2.89 10.39 -1.94
N ARG A 21 3.20 9.95 -3.17
CA ARG A 21 2.25 9.23 -3.99
C ARG A 21 1.94 7.88 -3.35
N GLU A 22 0.67 7.51 -3.26
CA GLU A 22 0.18 6.27 -2.70
C GLU A 22 -0.71 5.50 -3.67
N GLY A 23 -1.04 6.13 -4.81
CA GLY A 23 -1.90 5.62 -5.87
C GLY A 23 -3.36 5.68 -5.40
N THR A 24 -4.34 5.50 -6.30
CA THR A 24 -5.76 5.54 -5.95
C THR A 24 -6.08 4.34 -5.04
N PRO A 25 -6.35 4.56 -3.75
CA PRO A 25 -6.64 3.47 -2.84
C PRO A 25 -8.13 3.10 -2.91
N SER A 26 -8.47 1.84 -2.61
CA SER A 26 -9.85 1.37 -2.65
C SER A 26 -10.75 2.20 -1.75
N GLY A 27 -10.25 2.55 -0.55
CA GLY A 27 -10.94 3.34 0.46
C GLY A 27 -12.05 2.58 1.15
N ARG A 28 -13.03 2.08 0.39
CA ARG A 28 -14.17 1.32 0.90
C ARG A 28 -13.88 -0.17 0.83
N ALA A 29 -12.89 -0.63 1.58
CA ALA A 29 -12.51 -2.03 1.65
C ALA A 29 -11.61 -2.19 2.88
N ASN A 30 -11.47 -3.44 3.34
CA ASN A 30 -10.69 -3.91 4.50
C ASN A 30 -9.24 -3.43 4.60
N ARG A 31 -8.67 -2.76 3.60
CA ARG A 31 -7.30 -2.26 3.64
C ARG A 31 -7.15 -1.17 4.72
N ARG A 32 -5.95 -0.63 4.82
CA ARG A 32 -5.58 0.40 5.80
C ARG A 32 -6.19 1.79 5.60
N ALA A 33 -6.60 2.11 4.37
CA ALA A 33 -7.21 3.32 3.81
C ALA A 33 -6.37 3.89 2.67
N ASN A 34 -5.06 3.73 2.77
CA ASN A 34 -4.06 4.24 1.85
C ASN A 34 -3.42 3.15 0.98
N CYS A 35 -4.10 2.04 0.75
CA CYS A 35 -3.53 0.95 -0.04
C CYS A 35 -4.09 0.76 -1.46
N SER A 36 -3.40 1.32 -2.44
CA SER A 36 -3.70 1.27 -3.89
C SER A 36 -3.20 -0.05 -4.53
N CYS A 37 -2.81 -1.01 -3.69
CA CYS A 37 -2.38 -2.32 -4.21
C CYS A 37 -3.57 -3.05 -4.85
N GLY A 38 -3.38 -4.26 -5.37
CA GLY A 38 -4.48 -4.97 -5.99
C GLY A 38 -4.03 -6.27 -6.64
N ALA A 39 -2.71 -6.44 -6.81
CA ALA A 39 -2.10 -7.62 -7.37
C ALA A 39 -0.98 -8.06 -6.44
N ALA A 40 -0.43 -9.22 -6.79
CA ALA A 40 0.63 -10.01 -6.19
C ALA A 40 1.40 -9.32 -5.07
N CYS A 41 0.81 -9.22 -3.88
CA CYS A 41 1.46 -8.58 -2.76
C CYS A 41 1.32 -9.26 -1.42
N ASN A 42 2.47 -9.62 -0.85
CA ASN A 42 2.67 -10.28 0.44
C ASN A 42 3.05 -9.30 1.56
N CYS A 43 3.33 -8.03 1.25
CA CYS A 43 3.73 -7.02 2.26
C CYS A 43 2.86 -7.07 3.52
N ALA A 44 3.39 -7.39 4.71
CA ALA A 44 2.61 -7.45 5.96
C ALA A 44 1.82 -6.16 6.21
N SER A 45 2.41 -4.98 5.95
CA SER A 45 1.74 -3.69 6.15
C SER A 45 0.47 -3.57 5.28
N CYS A 46 0.38 -4.39 4.24
CA CYS A 46 -0.76 -4.44 3.36
C CYS A 46 -1.64 -5.67 3.63
N GLY A 47 -1.07 -6.81 4.04
CA GLY A 47 -1.87 -8.01 4.33
C GLY A 47 -2.70 -7.79 5.60
N SER A 48 -2.17 -7.00 6.52
CA SER A 48 -2.74 -6.61 7.80
C SER A 48 -4.04 -5.86 7.56
N ALA A 49 -5.11 -6.40 8.14
CA ALA A 49 -6.49 -5.93 8.11
C ALA A 49 -7.23 -6.78 9.13
N THR A 50 -8.37 -6.31 9.63
CA THR A 50 -9.20 -7.03 10.60
C THR A 50 -10.68 -7.10 10.18
N ALA A 51 -11.06 -6.53 9.04
CA ALA A 51 -12.44 -6.57 8.55
C ALA A 51 -12.62 -7.81 7.65
N PRO A 52 -13.85 -8.34 7.53
CA PRO A 52 -14.13 -9.51 6.70
C PRO A 52 -14.08 -9.17 5.20
N GLY A 53 -14.16 -7.90 4.84
CA GLY A 53 -14.13 -7.42 3.48
C GLY A 53 -14.09 -5.91 3.47
ZN ZN B . 7.22 8.41 -4.70
ZN ZN C . 1.61 -3.90 -2.44
ZN ZN D . 2.63 -2.60 1.10
ZN ZN E . -0.61 -1.84 -0.41
N GLY A 1 17.20 4.97 -10.35
CA GLY A 1 15.84 5.29 -10.79
C GLY A 1 14.88 4.28 -10.23
N GLU A 2 14.31 4.62 -9.08
CA GLU A 2 13.34 3.87 -8.30
C GLU A 2 12.68 4.90 -7.37
N HIS A 3 11.80 4.47 -6.48
CA HIS A 3 11.14 5.29 -5.49
C HIS A 3 10.73 4.35 -4.37
N THR A 4 10.43 4.87 -3.18
CA THR A 4 10.01 4.01 -2.09
C THR A 4 8.60 3.63 -2.48
N THR A 5 8.42 2.38 -2.90
CA THR A 5 7.16 1.80 -3.31
C THR A 5 6.96 0.60 -2.43
N CYS A 6 5.73 0.11 -2.45
CA CYS A 6 5.47 -1.09 -1.72
C CYS A 6 6.33 -2.12 -2.41
N GLY A 7 7.06 -2.93 -1.66
CA GLY A 7 7.96 -3.96 -2.17
C GLY A 7 7.32 -4.82 -3.25
N CYS A 8 5.98 -4.95 -3.27
CA CYS A 8 5.32 -5.73 -4.31
C CYS A 8 5.62 -5.14 -5.70
N GLY A 9 6.07 -3.87 -5.78
CA GLY A 9 6.40 -3.14 -6.97
C GLY A 9 5.29 -2.18 -7.33
N GLU A 10 4.73 -1.44 -6.35
CA GLU A 10 3.67 -0.51 -6.64
C GLU A 10 3.57 0.52 -5.54
N HIS A 11 3.68 1.80 -5.90
CA HIS A 11 3.58 2.94 -5.01
C HIS A 11 2.34 2.76 -4.13
N CYS A 12 2.51 2.90 -2.82
CA CYS A 12 1.42 2.77 -1.86
C CYS A 12 1.82 3.57 -0.62
N GLY A 13 0.85 3.94 0.22
CA GLY A 13 1.07 4.76 1.41
C GLY A 13 1.95 4.14 2.46
N CYS A 14 2.10 2.81 2.41
CA CYS A 14 2.88 2.04 3.35
C CYS A 14 4.39 2.27 3.18
N ASN A 15 4.78 3.08 2.19
CA ASN A 15 6.16 3.43 1.94
C ASN A 15 6.22 4.94 1.76
N PRO A 16 6.42 5.71 2.84
CA PRO A 16 6.49 7.15 2.76
C PRO A 16 7.81 7.56 2.07
N CYS A 17 7.71 8.09 0.86
CA CYS A 17 8.81 8.55 0.04
C CYS A 17 8.71 10.06 -0.11
N ALA A 18 9.73 10.68 -0.71
CA ALA A 18 9.77 12.12 -0.95
C ALA A 18 8.55 12.65 -1.71
N CYS A 19 7.87 11.78 -2.49
CA CYS A 19 6.69 12.18 -3.25
C CYS A 19 5.40 11.92 -2.47
N GLY A 20 5.42 11.02 -1.48
CA GLY A 20 4.26 10.69 -0.65
C GLY A 20 3.04 10.40 -1.52
N ARG A 21 3.16 9.44 -2.44
CA ARG A 21 2.10 9.07 -3.36
C ARG A 21 1.76 7.61 -3.28
N GLU A 22 0.48 7.32 -3.39
CA GLU A 22 -0.04 5.97 -3.39
C GLU A 22 -0.80 5.67 -4.66
N GLY A 23 -1.36 6.70 -5.26
CA GLY A 23 -2.14 6.63 -6.48
C GLY A 23 -3.58 6.83 -6.08
N THR A 24 -4.43 5.86 -6.38
CA THR A 24 -5.85 5.91 -6.09
C THR A 24 -6.12 5.04 -4.86
N PRO A 25 -6.28 5.65 -3.68
CA PRO A 25 -6.54 4.91 -2.46
C PRO A 25 -7.91 4.25 -2.57
N SER A 26 -7.91 2.93 -2.74
CA SER A 26 -9.11 2.12 -2.91
C SER A 26 -9.18 0.96 -1.90
N GLY A 27 -8.52 1.12 -0.76
CA GLY A 27 -8.48 0.11 0.29
C GLY A 27 -9.76 -0.03 1.11
N ARG A 28 -10.93 0.36 0.59
CA ARG A 28 -12.25 0.32 1.27
C ARG A 28 -12.76 -1.07 1.68
N ALA A 29 -11.91 -2.09 1.68
CA ALA A 29 -12.26 -3.43 2.08
C ALA A 29 -11.96 -3.55 3.57
N ASN A 30 -10.82 -4.15 3.83
CA ASN A 30 -10.17 -4.46 5.10
C ASN A 30 -8.76 -3.86 5.17
N ARG A 31 -8.42 -2.91 4.27
CA ARG A 31 -7.12 -2.25 4.25
C ARG A 31 -7.25 -0.88 4.91
N ARG A 32 -6.13 -0.18 5.01
CA ARG A 32 -6.02 1.16 5.61
C ARG A 32 -6.63 2.26 4.74
N ALA A 33 -7.34 1.90 3.68
CA ALA A 33 -7.99 2.76 2.68
C ALA A 33 -6.97 3.35 1.70
N ASN A 34 -5.79 3.67 2.22
CA ASN A 34 -4.62 4.28 1.57
C ASN A 34 -3.87 3.28 0.72
N CYS A 35 -4.35 2.04 0.73
CA CYS A 35 -3.73 0.99 -0.03
C CYS A 35 -4.36 0.87 -1.42
N SER A 36 -3.73 1.57 -2.34
CA SER A 36 -4.05 1.63 -3.75
C SER A 36 -3.59 0.37 -4.49
N CYS A 37 -2.60 -0.35 -3.92
CA CYS A 37 -2.00 -1.56 -4.51
C CYS A 37 -2.74 -2.80 -4.02
N GLY A 38 -3.04 -3.81 -4.84
CA GLY A 38 -3.75 -5.01 -4.47
C GLY A 38 -2.91 -6.11 -5.06
N ALA A 39 -2.75 -6.05 -6.38
CA ALA A 39 -1.98 -6.92 -7.25
C ALA A 39 -0.85 -7.65 -6.51
N ALA A 40 -1.05 -8.97 -6.45
CA ALA A 40 -0.26 -10.07 -5.89
C ALA A 40 0.75 -9.63 -4.80
N CYS A 41 0.30 -8.86 -3.82
CA CYS A 41 1.16 -8.38 -2.77
C CYS A 41 1.00 -9.20 -1.50
N ASN A 42 2.13 -9.38 -0.82
CA ASN A 42 2.27 -10.13 0.44
C ASN A 42 2.60 -9.18 1.58
N CYS A 43 2.91 -7.91 1.31
CA CYS A 43 3.26 -6.95 2.38
C CYS A 43 2.21 -6.98 3.48
N ALA A 44 2.55 -7.48 4.67
CA ALA A 44 1.65 -7.57 5.81
C ALA A 44 1.04 -6.21 6.14
N SER A 45 1.80 -5.12 5.97
CA SER A 45 1.29 -3.79 6.25
C SER A 45 0.13 -3.45 5.32
N CYS A 46 0.04 -4.15 4.17
CA CYS A 46 -1.04 -3.97 3.23
C CYS A 46 -2.15 -5.02 3.41
N GLY A 47 -1.81 -6.28 3.74
CA GLY A 47 -2.81 -7.32 3.91
C GLY A 47 -3.73 -7.07 5.10
N SER A 48 -3.22 -6.45 6.17
CA SER A 48 -3.97 -6.15 7.37
C SER A 48 -3.92 -4.65 7.67
N ALA A 49 -4.86 -4.18 8.48
CA ALA A 49 -5.02 -2.80 8.92
C ALA A 49 -5.77 -2.81 10.25
N THR A 50 -5.05 -2.61 11.36
CA THR A 50 -5.62 -2.59 12.69
C THR A 50 -6.56 -1.39 12.83
N ALA A 51 -7.86 -1.65 12.91
CA ALA A 51 -8.91 -0.66 13.06
C ALA A 51 -9.45 -0.82 14.49
N PRO A 52 -9.90 0.25 15.15
CA PRO A 52 -10.44 0.15 16.50
C PRO A 52 -11.71 -0.71 16.45
N GLY A 53 -12.64 -0.36 15.56
CA GLY A 53 -13.91 -1.00 15.32
C GLY A 53 -14.82 0.15 14.99
ZN ZN B . 7.22 7.99 -4.46
ZN ZN C . 1.70 -3.75 -2.29
ZN ZN D . 2.51 -2.33 1.18
ZN ZN E . -0.70 -1.57 -0.60
N GLY A 1 18.35 5.71 -7.70
CA GLY A 1 17.77 4.40 -8.04
C GLY A 1 16.29 4.54 -8.34
N GLU A 2 15.42 4.19 -7.40
CA GLU A 2 13.97 4.27 -7.56
C GLU A 2 13.37 4.78 -6.24
N HIS A 3 12.06 5.04 -6.23
CA HIS A 3 11.37 5.52 -5.05
C HIS A 3 11.04 4.42 -4.08
N THR A 4 10.68 4.84 -2.88
CA THR A 4 10.28 3.94 -1.81
C THR A 4 8.88 3.55 -2.24
N THR A 5 8.70 2.31 -2.70
CA THR A 5 7.45 1.77 -3.16
C THR A 5 7.15 0.49 -2.44
N CYS A 6 5.88 0.09 -2.44
CA CYS A 6 5.51 -1.14 -1.80
C CYS A 6 6.26 -2.24 -2.51
N GLY A 7 6.80 -3.19 -1.75
CA GLY A 7 7.57 -4.33 -2.26
C GLY A 7 6.93 -5.05 -3.46
N CYS A 8 5.61 -4.96 -3.62
CA CYS A 8 4.90 -5.56 -4.74
C CYS A 8 5.15 -4.83 -6.06
N GLY A 9 5.79 -3.67 -6.03
CA GLY A 9 6.15 -2.81 -7.16
C GLY A 9 5.17 -1.67 -7.42
N GLU A 10 4.70 -0.94 -6.40
CA GLU A 10 3.81 0.17 -6.59
C GLU A 10 3.84 1.20 -5.47
N HIS A 11 3.63 2.47 -5.82
CA HIS A 11 3.54 3.58 -4.88
C HIS A 11 2.23 3.35 -4.10
N CYS A 12 2.35 3.05 -2.80
CA CYS A 12 1.25 2.77 -1.86
C CYS A 12 1.55 3.55 -0.61
N GLY A 13 0.51 3.86 0.18
CA GLY A 13 0.64 4.65 1.41
C GLY A 13 1.39 3.98 2.55
N CYS A 14 1.97 2.82 2.26
CA CYS A 14 2.74 2.02 3.17
C CYS A 14 4.23 2.21 2.96
N ASN A 15 4.63 3.08 2.05
CA ASN A 15 6.03 3.34 1.77
C ASN A 15 6.25 4.84 1.64
N PRO A 16 6.60 5.54 2.73
CA PRO A 16 6.85 6.96 2.68
C PRO A 16 8.06 7.15 1.76
N CYS A 17 7.91 7.99 0.75
CA CYS A 17 8.92 8.31 -0.23
C CYS A 17 9.05 9.82 -0.33
N ALA A 18 10.10 10.31 -0.98
CA ALA A 18 10.37 11.75 -1.16
C ALA A 18 9.25 12.54 -1.84
N CYS A 19 8.24 11.87 -2.39
CA CYS A 19 7.09 12.49 -3.03
C CYS A 19 5.77 12.14 -2.35
N GLY A 20 5.77 11.13 -1.46
CA GLY A 20 4.60 10.67 -0.70
C GLY A 20 3.44 10.15 -1.57
N ARG A 21 3.65 9.99 -2.87
CA ARG A 21 2.62 9.53 -3.81
C ARG A 21 2.19 8.11 -3.51
N GLU A 22 0.97 7.80 -3.92
CA GLU A 22 0.33 6.51 -3.81
C GLU A 22 -0.84 6.55 -4.80
N GLY A 23 -1.16 5.41 -5.40
CA GLY A 23 -2.27 5.34 -6.35
C GLY A 23 -3.60 5.39 -5.57
N THR A 24 -4.73 5.38 -6.27
CA THR A 24 -6.04 5.43 -5.64
C THR A 24 -6.22 4.25 -4.68
N PRO A 25 -6.49 4.51 -3.39
CA PRO A 25 -6.67 3.48 -2.39
C PRO A 25 -7.92 2.65 -2.61
N SER A 26 -7.88 1.41 -2.13
CA SER A 26 -9.03 0.51 -2.21
C SER A 26 -9.84 0.70 -0.93
N GLY A 27 -10.79 1.64 -0.89
CA GLY A 27 -11.62 1.88 0.29
C GLY A 27 -12.71 0.80 0.48
N ARG A 28 -12.95 0.02 -0.58
CA ARG A 28 -13.91 -1.08 -0.73
C ARG A 28 -13.62 -2.30 0.15
N ALA A 29 -12.61 -2.21 1.01
CA ALA A 29 -12.21 -3.26 1.93
C ALA A 29 -11.67 -2.60 3.19
N ASN A 30 -11.56 -3.40 4.26
CA ASN A 30 -11.07 -3.05 5.60
C ASN A 30 -9.62 -2.56 5.69
N ARG A 31 -9.00 -2.18 4.56
CA ARG A 31 -7.63 -1.69 4.47
C ARG A 31 -7.53 -0.31 5.15
N ARG A 32 -6.34 0.29 5.17
CA ARG A 32 -6.06 1.58 5.80
C ARG A 32 -6.55 2.82 5.04
N ALA A 33 -7.42 2.67 4.04
CA ALA A 33 -7.94 3.77 3.21
C ALA A 33 -6.79 4.48 2.47
N ASN A 34 -5.61 3.86 2.43
CA ASN A 34 -4.39 4.35 1.81
C ASN A 34 -3.64 3.20 1.11
N CYS A 35 -4.30 2.06 0.87
CA CYS A 35 -3.66 0.96 0.17
C CYS A 35 -4.14 0.88 -1.29
N SER A 36 -3.33 1.40 -2.20
CA SER A 36 -3.53 1.47 -3.65
C SER A 36 -3.37 0.17 -4.44
N CYS A 37 -2.91 -0.85 -3.73
CA CYS A 37 -2.65 -2.20 -4.26
C CYS A 37 -3.87 -2.89 -4.89
N GLY A 38 -3.65 -4.07 -5.46
CA GLY A 38 -4.70 -4.84 -6.10
C GLY A 38 -4.16 -6.12 -6.73
N ALA A 39 -2.84 -6.22 -6.93
CA ALA A 39 -2.19 -7.37 -7.52
C ALA A 39 -1.06 -7.86 -6.63
N ALA A 40 -0.78 -9.16 -6.75
CA ALA A 40 0.21 -10.00 -6.07
C ALA A 40 0.97 -9.24 -5.01
N CYS A 41 0.34 -9.00 -3.86
CA CYS A 41 0.98 -8.26 -2.78
C CYS A 41 0.98 -8.92 -1.43
N ASN A 42 2.18 -9.36 -1.03
CA ASN A 42 2.39 -10.01 0.26
C ASN A 42 2.90 -9.04 1.32
N CYS A 43 3.15 -7.75 1.00
CA CYS A 43 3.66 -6.79 2.03
C CYS A 43 2.79 -6.82 3.29
N ALA A 44 3.33 -7.29 4.41
CA ALA A 44 2.65 -7.38 5.71
C ALA A 44 1.99 -6.06 6.10
N SER A 45 2.63 -4.91 5.84
CA SER A 45 2.06 -3.61 6.21
C SER A 45 0.73 -3.40 5.48
N CYS A 46 0.54 -4.03 4.32
CA CYS A 46 -0.68 -3.95 3.54
C CYS A 46 -1.63 -5.09 3.96
N GLY A 47 -1.10 -6.29 4.18
CA GLY A 47 -1.85 -7.47 4.56
C GLY A 47 -2.60 -7.28 5.87
N SER A 48 -1.87 -7.00 6.94
CA SER A 48 -2.34 -6.79 8.31
C SER A 48 -3.71 -6.14 8.38
N ALA A 49 -3.81 -4.88 7.90
CA ALA A 49 -5.03 -4.10 7.93
C ALA A 49 -5.60 -4.04 9.36
N THR A 50 -4.70 -4.20 10.35
CA THR A 50 -4.91 -4.23 11.79
C THR A 50 -6.09 -5.15 12.19
N ALA A 51 -6.43 -6.12 11.35
CA ALA A 51 -7.51 -7.05 11.62
C ALA A 51 -7.10 -8.01 12.74
N PRO A 52 -8.07 -8.54 13.50
CA PRO A 52 -7.81 -9.49 14.58
C PRO A 52 -7.52 -10.90 14.02
N GLY A 53 -7.45 -11.04 12.69
CA GLY A 53 -7.17 -12.27 11.97
C GLY A 53 -6.04 -11.93 11.04
ZN ZN B . 7.43 8.55 -4.57
ZN ZN C . 1.38 -3.68 -2.54
ZN ZN D . 2.48 -2.36 0.94
ZN ZN E . -0.80 -1.57 -0.50
N GLY A 1 17.74 4.38 -9.73
CA GLY A 1 16.69 5.32 -10.12
C GLY A 1 15.33 4.67 -9.93
N GLU A 2 14.78 4.72 -8.73
CA GLU A 2 13.49 4.14 -8.37
C GLU A 2 12.96 4.91 -7.16
N HIS A 3 11.80 4.53 -6.62
CA HIS A 3 11.23 5.20 -5.46
C HIS A 3 10.99 4.23 -4.32
N THR A 4 10.68 4.76 -3.13
CA THR A 4 10.44 3.97 -1.94
C THR A 4 9.03 3.41 -2.08
N THR A 5 8.87 2.43 -2.95
CA THR A 5 7.63 1.77 -3.31
C THR A 5 7.35 0.61 -2.39
N CYS A 6 6.08 0.18 -2.30
CA CYS A 6 5.84 -0.98 -1.46
C CYS A 6 6.58 -2.16 -2.10
N GLY A 7 7.08 -3.13 -1.35
CA GLY A 7 7.83 -4.32 -1.78
C GLY A 7 7.24 -5.03 -3.00
N CYS A 8 5.91 -4.97 -3.17
CA CYS A 8 5.24 -5.56 -4.31
C CYS A 8 5.62 -4.85 -5.63
N GLY A 9 6.40 -3.77 -5.56
CA GLY A 9 6.84 -2.95 -6.67
C GLY A 9 5.74 -1.94 -7.02
N GLU A 10 5.10 -1.28 -6.03
CA GLU A 10 4.04 -0.32 -6.33
C GLU A 10 3.92 0.72 -5.23
N HIS A 11 3.94 1.99 -5.66
CA HIS A 11 3.80 3.21 -4.88
C HIS A 11 2.61 3.06 -3.94
N CYS A 12 2.82 3.15 -2.62
CA CYS A 12 1.78 3.04 -1.62
C CYS A 12 2.25 3.70 -0.31
N GLY A 13 1.37 3.91 0.67
CA GLY A 13 1.72 4.60 1.91
C GLY A 13 2.43 3.82 2.99
N CYS A 14 2.41 2.51 2.86
CA CYS A 14 3.08 1.68 3.86
C CYS A 14 4.62 1.83 3.76
N ASN A 15 5.11 2.51 2.72
CA ASN A 15 6.51 2.75 2.45
C ASN A 15 6.57 4.21 1.95
N PRO A 16 6.70 5.20 2.83
CA PRO A 16 6.76 6.60 2.43
C PRO A 16 7.98 6.86 1.54
N CYS A 17 7.82 7.75 0.55
CA CYS A 17 8.83 8.17 -0.40
C CYS A 17 8.92 9.69 -0.43
N ALA A 18 9.94 10.20 -1.12
CA ALA A 18 10.22 11.63 -1.31
C ALA A 18 9.08 12.39 -2.01
N CYS A 19 8.09 11.68 -2.55
CA CYS A 19 6.93 12.23 -3.24
C CYS A 19 5.60 11.85 -2.58
N GLY A 20 5.62 10.93 -1.60
CA GLY A 20 4.49 10.43 -0.80
C GLY A 20 3.24 9.92 -1.56
N ARG A 21 3.39 9.75 -2.87
CA ARG A 21 2.33 9.33 -3.78
C ARG A 21 1.91 7.88 -3.62
N GLU A 22 0.67 7.65 -4.03
CA GLU A 22 -0.11 6.45 -4.14
C GLU A 22 -1.42 6.89 -4.83
N GLY A 23 -2.06 5.99 -5.54
CA GLY A 23 -3.29 6.28 -6.25
C GLY A 23 -4.51 6.23 -5.34
N THR A 24 -5.66 6.06 -5.97
CA THR A 24 -6.96 5.99 -5.32
C THR A 24 -7.04 4.71 -4.49
N PRO A 25 -7.39 4.82 -3.20
CA PRO A 25 -7.47 3.66 -2.32
C PRO A 25 -8.52 2.66 -2.79
N SER A 26 -8.37 1.41 -2.36
CA SER A 26 -9.26 0.31 -2.71
C SER A 26 -10.67 0.49 -2.17
N GLY A 27 -10.78 1.02 -0.94
CA GLY A 27 -12.03 1.25 -0.21
C GLY A 27 -12.68 -0.05 0.22
N ARG A 28 -13.12 -0.84 -0.75
CA ARG A 28 -13.81 -2.13 -0.67
C ARG A 28 -12.93 -3.26 -0.13
N ALA A 29 -11.86 -2.93 0.58
CA ALA A 29 -10.94 -3.88 1.15
C ALA A 29 -10.61 -3.59 2.63
N ASN A 30 -11.30 -2.61 3.22
CA ASN A 30 -11.18 -2.14 4.63
C ASN A 30 -9.76 -1.87 5.13
N ARG A 31 -8.77 -1.70 4.23
CA ARG A 31 -7.37 -1.42 4.57
C ARG A 31 -7.27 -0.01 5.12
N ARG A 32 -6.05 0.52 5.28
CA ARG A 32 -5.76 1.85 5.82
C ARG A 32 -6.31 3.07 5.05
N ALA A 33 -7.30 2.88 4.20
CA ALA A 33 -8.01 3.84 3.37
C ALA A 33 -7.13 4.65 2.44
N ASN A 34 -5.91 4.16 2.23
CA ASN A 34 -4.93 4.78 1.37
C ASN A 34 -4.27 3.72 0.51
N CYS A 35 -4.29 2.44 0.89
CA CYS A 35 -3.58 1.41 0.13
C CYS A 35 -4.17 1.17 -1.26
N SER A 36 -3.72 1.95 -2.23
CA SER A 36 -4.16 1.82 -3.62
C SER A 36 -3.54 0.58 -4.27
N CYS A 37 -2.44 0.05 -3.69
CA CYS A 37 -1.78 -1.13 -4.25
C CYS A 37 -2.55 -2.36 -3.78
N GLY A 38 -2.81 -3.39 -4.60
CA GLY A 38 -3.55 -4.55 -4.17
C GLY A 38 -2.95 -5.74 -4.86
N ALA A 39 -3.06 -5.72 -6.19
CA ALA A 39 -2.58 -6.73 -7.13
C ALA A 39 -1.34 -7.44 -6.61
N ALA A 40 -1.58 -8.73 -6.41
CA ALA A 40 -0.71 -9.81 -5.95
C ALA A 40 0.39 -9.30 -5.00
N CYS A 41 -0.03 -8.56 -3.98
CA CYS A 41 0.87 -7.99 -3.01
C CYS A 41 0.88 -8.81 -1.72
N ASN A 42 2.04 -9.37 -1.35
CA ASN A 42 2.19 -10.17 -0.13
C ASN A 42 2.74 -9.35 1.03
N CYS A 43 2.84 -8.03 0.86
CA CYS A 43 3.35 -7.16 1.90
C CYS A 43 2.48 -7.18 3.17
N ALA A 44 2.95 -7.75 4.27
CA ALA A 44 2.21 -7.79 5.53
C ALA A 44 1.83 -6.37 5.98
N SER A 45 2.70 -5.36 5.74
CA SER A 45 2.43 -3.97 6.11
C SER A 45 1.16 -3.45 5.43
N CYS A 46 0.70 -4.13 4.38
CA CYS A 46 -0.52 -3.79 3.69
C CYS A 46 -1.60 -4.87 3.90
N GLY A 47 -1.24 -6.17 3.93
CA GLY A 47 -2.22 -7.23 4.12
C GLY A 47 -2.88 -7.24 5.49
N SER A 48 -2.21 -6.79 6.56
CA SER A 48 -2.77 -6.79 7.91
C SER A 48 -4.18 -6.19 7.94
N ALA A 49 -4.34 -4.98 7.38
CA ALA A 49 -5.61 -4.25 7.33
C ALA A 49 -6.36 -4.37 8.65
N THR A 50 -5.67 -4.05 9.75
CA THR A 50 -6.15 -4.07 11.14
C THR A 50 -6.92 -5.35 11.54
N ALA A 51 -6.67 -6.49 10.89
CA ALA A 51 -7.32 -7.78 11.10
C ALA A 51 -8.70 -7.70 10.44
N PRO A 52 -9.33 -8.83 10.08
CA PRO A 52 -10.62 -8.83 9.41
C PRO A 52 -11.82 -8.37 10.26
N GLY A 53 -11.61 -7.73 11.43
CA GLY A 53 -12.67 -7.27 12.30
C GLY A 53 -12.51 -5.79 12.59
ZN ZN B . 7.23 8.31 -4.83
ZN ZN C . 1.95 -3.41 -2.09
ZN ZN D . 2.87 -2.51 1.45
ZN ZN E . -0.40 -1.23 -0.29
N GLY A 1 16.00 7.98 -9.44
CA GLY A 1 15.37 6.97 -10.28
C GLY A 1 14.26 6.22 -9.54
N GLU A 2 14.63 5.27 -8.69
CA GLU A 2 13.69 4.46 -7.93
C GLU A 2 13.14 5.22 -6.73
N HIS A 3 11.86 5.00 -6.39
CA HIS A 3 11.19 5.63 -5.26
C HIS A 3 10.89 4.58 -4.22
N THR A 4 10.56 5.03 -3.00
CA THR A 4 10.23 4.12 -1.92
C THR A 4 8.84 3.64 -2.29
N THR A 5 8.70 2.36 -2.58
CA THR A 5 7.43 1.78 -2.97
C THR A 5 7.23 0.47 -2.28
N CYS A 6 5.98 0.03 -2.31
CA CYS A 6 5.68 -1.24 -1.72
C CYS A 6 6.48 -2.26 -2.49
N GLY A 7 7.16 -3.17 -1.79
CA GLY A 7 8.00 -4.24 -2.35
C GLY A 7 7.34 -4.98 -3.51
N CYS A 8 6.00 -5.02 -3.56
CA CYS A 8 5.33 -5.69 -4.67
C CYS A 8 5.49 -4.93 -6.01
N GLY A 9 6.08 -3.72 -5.98
CA GLY A 9 6.33 -2.84 -7.09
C GLY A 9 5.13 -1.93 -7.28
N GLU A 10 4.72 -1.23 -6.23
CA GLU A 10 3.57 -0.35 -6.29
C GLU A 10 3.65 0.78 -5.28
N HIS A 11 3.55 2.01 -5.75
CA HIS A 11 3.53 3.20 -4.92
C HIS A 11 2.33 2.97 -4.00
N CYS A 12 2.53 2.91 -2.68
CA CYS A 12 1.47 2.68 -1.71
C CYS A 12 1.81 3.49 -0.46
N GLY A 13 0.79 3.88 0.30
CA GLY A 13 0.94 4.72 1.51
C GLY A 13 1.71 4.07 2.66
N CYS A 14 2.08 2.81 2.48
CA CYS A 14 2.82 1.99 3.43
C CYS A 14 4.34 2.11 3.22
N ASN A 15 4.75 2.94 2.27
CA ASN A 15 6.13 3.22 1.93
C ASN A 15 6.19 4.71 1.65
N PRO A 16 6.47 5.56 2.64
CA PRO A 16 6.57 6.98 2.44
C PRO A 16 7.75 7.20 1.48
N CYS A 17 7.54 8.03 0.46
CA CYS A 17 8.52 8.37 -0.55
C CYS A 17 8.57 9.89 -0.67
N ALA A 18 9.58 10.42 -1.37
CA ALA A 18 9.74 11.87 -1.57
C ALA A 18 8.56 12.57 -2.26
N CYS A 19 7.59 11.81 -2.81
CA CYS A 19 6.39 12.34 -3.44
C CYS A 19 5.13 11.94 -2.63
N GLY A 20 5.27 10.96 -1.73
CA GLY A 20 4.23 10.44 -0.85
C GLY A 20 2.99 9.88 -1.56
N ARG A 21 3.06 9.70 -2.88
CA ARG A 21 1.95 9.22 -3.69
C ARG A 21 1.55 7.80 -3.35
N GLU A 22 0.36 7.59 -2.82
CA GLU A 22 -0.07 6.22 -2.55
C GLU A 22 -0.64 5.60 -3.81
N GLY A 23 -0.95 6.36 -4.85
CA GLY A 23 -1.47 5.86 -6.12
C GLY A 23 -2.96 5.46 -6.08
N THR A 24 -3.78 6.29 -5.45
CA THR A 24 -5.21 6.19 -5.26
C THR A 24 -5.57 4.89 -4.51
N PRO A 25 -5.75 4.99 -3.18
CA PRO A 25 -6.06 3.86 -2.34
C PRO A 25 -7.50 3.35 -2.49
N SER A 26 -7.68 2.03 -2.50
CA SER A 26 -8.99 1.43 -2.63
C SER A 26 -9.69 1.47 -1.28
N GLY A 27 -10.50 2.50 -1.05
CA GLY A 27 -11.24 2.67 0.19
C GLY A 27 -12.46 1.76 0.21
N ARG A 28 -12.84 1.14 -0.91
CA ARG A 28 -14.00 0.24 -1.02
C ARG A 28 -13.66 -1.16 -0.50
N ALA A 29 -12.66 -1.32 0.37
CA ALA A 29 -12.24 -2.60 0.94
C ALA A 29 -11.70 -2.35 2.34
N ASN A 30 -11.62 -3.41 3.14
CA ASN A 30 -11.12 -3.43 4.53
C ASN A 30 -9.68 -2.95 4.73
N ARG A 31 -9.00 -2.45 3.71
CA ARG A 31 -7.62 -1.96 3.86
C ARG A 31 -7.66 -0.66 4.67
N ARG A 32 -6.51 -0.07 5.00
CA ARG A 32 -6.34 1.16 5.80
C ARG A 32 -6.78 2.43 5.08
N ALA A 33 -7.58 2.31 4.02
CA ALA A 33 -8.08 3.39 3.17
C ALA A 33 -6.94 4.15 2.49
N ASN A 34 -5.70 3.65 2.62
CA ASN A 34 -4.46 4.19 2.11
C ASN A 34 -3.65 3.14 1.30
N CYS A 35 -4.26 1.99 0.99
CA CYS A 35 -3.62 0.94 0.19
C CYS A 35 -4.25 0.86 -1.20
N SER A 36 -3.50 1.30 -2.18
CA SER A 36 -3.79 1.33 -3.62
C SER A 36 -3.56 -0.01 -4.30
N CYS A 37 -2.78 -0.87 -3.63
CA CYS A 37 -2.48 -2.21 -4.14
C CYS A 37 -3.78 -3.02 -4.27
N GLY A 38 -3.80 -4.04 -5.11
CA GLY A 38 -4.94 -4.91 -5.35
C GLY A 38 -4.33 -6.28 -5.53
N ALA A 39 -3.44 -6.36 -6.52
CA ALA A 39 -2.69 -7.55 -6.87
C ALA A 39 -1.86 -8.05 -5.71
N ALA A 40 -1.48 -9.32 -5.89
CA ALA A 40 -0.69 -10.30 -5.14
C ALA A 40 0.46 -9.71 -4.31
N CYS A 41 0.11 -8.88 -3.34
CA CYS A 41 0.99 -8.17 -2.46
C CYS A 41 1.30 -8.86 -1.14
N ASN A 42 2.50 -9.39 -0.99
CA ASN A 42 2.90 -10.05 0.25
C ASN A 42 3.35 -9.06 1.33
N CYS A 43 3.53 -7.76 1.04
CA CYS A 43 3.96 -6.80 2.11
C CYS A 43 3.11 -6.93 3.36
N ALA A 44 3.69 -7.31 4.50
CA ALA A 44 3.00 -7.46 5.77
C ALA A 44 2.21 -6.20 6.13
N SER A 45 2.79 -5.01 5.89
CA SER A 45 2.15 -3.72 6.19
C SER A 45 0.86 -3.55 5.36
N CYS A 46 0.70 -4.37 4.31
CA CYS A 46 -0.50 -4.39 3.49
C CYS A 46 -1.32 -5.68 3.72
N GLY A 47 -0.71 -6.79 4.15
CA GLY A 47 -1.38 -8.04 4.41
C GLY A 47 -2.23 -7.95 5.67
N SER A 48 -1.63 -7.53 6.78
CA SER A 48 -2.33 -7.39 8.06
C SER A 48 -3.27 -6.18 7.96
N ALA A 49 -4.55 -6.46 7.72
CA ALA A 49 -5.64 -5.50 7.58
C ALA A 49 -6.63 -5.66 8.72
N THR A 50 -6.79 -6.88 9.25
CA THR A 50 -7.71 -7.18 10.34
C THR A 50 -6.93 -7.29 11.64
N ALA A 51 -6.78 -6.18 12.36
CA ALA A 51 -6.10 -6.08 13.64
C ALA A 51 -7.00 -5.28 14.58
N PRO A 52 -6.87 -5.45 15.90
CA PRO A 52 -7.65 -4.69 16.85
C PRO A 52 -7.01 -3.30 16.96
N GLY A 53 -7.79 -2.31 17.37
CA GLY A 53 -7.33 -0.94 17.55
C GLY A 53 -6.52 -0.88 18.83
ZN ZN B . 6.88 8.39 -4.93
ZN ZN C . 1.75 -3.82 -2.28
ZN ZN D . 2.72 -2.37 1.21
ZN ZN E . -0.53 -1.67 -0.37
N GLY A 1 16.65 5.68 -11.40
CA GLY A 1 15.88 6.67 -10.62
C GLY A 1 14.61 6.09 -10.02
N GLU A 2 14.72 5.12 -9.12
CA GLU A 2 13.63 4.44 -8.40
C GLU A 2 13.02 5.35 -7.32
N HIS A 3 12.17 4.81 -6.44
CA HIS A 3 11.53 5.54 -5.34
C HIS A 3 11.09 4.55 -4.26
N THR A 4 10.80 5.01 -3.02
CA THR A 4 10.36 4.07 -2.01
C THR A 4 8.93 3.73 -2.45
N THR A 5 8.70 2.42 -2.61
CA THR A 5 7.45 1.85 -3.04
C THR A 5 7.20 0.58 -2.26
N CYS A 6 5.96 0.12 -2.29
CA CYS A 6 5.59 -1.12 -1.66
C CYS A 6 6.39 -2.20 -2.35
N GLY A 7 6.92 -3.17 -1.59
CA GLY A 7 7.72 -4.26 -2.14
C GLY A 7 7.07 -5.00 -3.31
N CYS A 8 5.73 -4.94 -3.45
CA CYS A 8 5.00 -5.58 -4.54
C CYS A 8 5.27 -4.90 -5.89
N GLY A 9 5.93 -3.73 -5.87
CA GLY A 9 6.31 -2.89 -6.98
C GLY A 9 5.31 -1.78 -7.28
N GLU A 10 4.88 -1.00 -6.27
CA GLU A 10 3.95 0.07 -6.48
C GLU A 10 3.94 1.12 -5.36
N HIS A 11 3.63 2.37 -5.72
CA HIS A 11 3.52 3.49 -4.80
C HIS A 11 2.25 3.25 -3.95
N CYS A 12 2.42 3.03 -2.65
CA CYS A 12 1.35 2.79 -1.69
C CYS A 12 1.66 3.53 -0.42
N GLY A 13 0.64 3.81 0.39
CA GLY A 13 0.81 4.60 1.62
C GLY A 13 1.65 3.97 2.72
N CYS A 14 2.03 2.71 2.49
CA CYS A 14 2.84 1.93 3.41
C CYS A 14 4.34 2.12 3.17
N ASN A 15 4.76 2.97 2.24
CA ASN A 15 6.18 3.19 1.95
C ASN A 15 6.50 4.68 1.75
N PRO A 16 6.81 5.41 2.83
CA PRO A 16 7.14 6.81 2.74
C PRO A 16 8.39 6.99 1.88
N CYS A 17 8.30 7.95 0.96
CA CYS A 17 9.30 8.38 0.02
C CYS A 17 9.16 9.89 -0.07
N ALA A 18 10.15 10.54 -0.70
CA ALA A 18 10.22 11.99 -0.91
C ALA A 18 9.06 12.61 -1.71
N CYS A 19 8.12 11.79 -2.18
CA CYS A 19 6.95 12.23 -2.93
C CYS A 19 5.65 11.80 -2.24
N GLY A 20 5.72 10.83 -1.32
CA GLY A 20 4.59 10.28 -0.56
C GLY A 20 3.36 9.94 -1.41
N ARG A 21 3.58 9.53 -2.67
CA ARG A 21 2.54 9.20 -3.62
C ARG A 21 2.00 7.79 -3.40
N GLU A 22 0.78 7.57 -3.84
CA GLU A 22 0.02 6.35 -3.81
C GLU A 22 -1.01 6.47 -4.96
N GLY A 23 -1.68 5.38 -5.31
CA GLY A 23 -2.71 5.32 -6.37
C GLY A 23 -4.08 5.37 -5.71
N THR A 24 -5.18 5.24 -6.44
CA THR A 24 -6.52 5.29 -5.83
C THR A 24 -6.63 4.20 -4.77
N PRO A 25 -6.81 4.56 -3.49
CA PRO A 25 -6.92 3.60 -2.40
C PRO A 25 -8.31 2.94 -2.38
N SER A 26 -8.37 1.62 -2.20
CA SER A 26 -9.61 0.89 -2.14
C SER A 26 -10.13 0.96 -0.71
N GLY A 27 -11.19 1.73 -0.47
CA GLY A 27 -11.80 1.84 0.85
C GLY A 27 -12.57 0.57 1.17
N ARG A 28 -13.05 -0.16 0.16
CA ARG A 28 -13.81 -1.41 0.30
C ARG A 28 -12.94 -2.62 0.64
N ALA A 29 -11.63 -2.41 0.77
CA ALA A 29 -10.68 -3.45 1.13
C ALA A 29 -10.49 -3.55 2.63
N ASN A 30 -11.23 -2.75 3.41
CA ASN A 30 -11.14 -2.69 4.88
C ASN A 30 -9.76 -2.17 5.28
N ARG A 31 -9.02 -1.57 4.34
CA ARG A 31 -7.69 -1.01 4.55
C ARG A 31 -7.76 0.45 4.96
N ARG A 32 -6.59 1.00 5.22
CA ARG A 32 -6.33 2.35 5.72
C ARG A 32 -6.64 3.56 4.82
N ALA A 33 -7.46 3.39 3.80
CA ALA A 33 -7.81 4.46 2.85
C ALA A 33 -6.54 4.97 2.14
N ASN A 34 -5.47 4.16 2.17
CA ASN A 34 -4.16 4.46 1.59
C ASN A 34 -3.57 3.26 0.86
N CYS A 35 -4.27 2.12 0.86
CA CYS A 35 -3.76 0.96 0.17
C CYS A 35 -4.33 0.88 -1.26
N SER A 36 -3.53 1.42 -2.17
CA SER A 36 -3.71 1.53 -3.62
C SER A 36 -3.40 0.25 -4.41
N CYS A 37 -2.86 -0.75 -3.72
CA CYS A 37 -2.47 -2.05 -4.31
C CYS A 37 -3.55 -2.84 -5.04
N GLY A 38 -3.17 -3.98 -5.64
CA GLY A 38 -4.01 -4.91 -6.36
C GLY A 38 -3.20 -6.18 -6.39
N ALA A 39 -2.43 -6.36 -7.47
CA ALA A 39 -1.58 -7.51 -7.73
C ALA A 39 -0.69 -8.00 -6.58
N ALA A 40 -0.78 -9.32 -6.40
CA ALA A 40 -0.15 -10.27 -5.46
C ALA A 40 0.71 -9.57 -4.41
N CYS A 41 0.04 -8.85 -3.52
CA CYS A 41 0.74 -8.14 -2.48
C CYS A 41 0.86 -8.97 -1.23
N ASN A 42 2.09 -9.35 -0.91
CA ASN A 42 2.40 -10.13 0.29
C ASN A 42 2.92 -9.23 1.40
N CYS A 43 3.15 -7.93 1.13
CA CYS A 43 3.62 -7.00 2.19
C CYS A 43 2.69 -7.05 3.40
N ALA A 44 3.14 -7.56 4.54
CA ALA A 44 2.36 -7.65 5.76
C ALA A 44 1.75 -6.28 6.11
N SER A 45 2.48 -5.17 5.90
CA SER A 45 2.01 -3.83 6.19
C SER A 45 0.78 -3.47 5.36
N CYS A 46 0.50 -4.22 4.29
CA CYS A 46 -0.69 -4.03 3.48
C CYS A 46 -1.70 -5.17 3.61
N GLY A 47 -1.29 -6.41 3.90
CA GLY A 47 -2.20 -7.55 3.99
C GLY A 47 -2.95 -7.65 5.31
N SER A 48 -2.33 -7.20 6.40
CA SER A 48 -2.89 -7.23 7.74
C SER A 48 -4.16 -6.37 7.80
N ALA A 49 -5.33 -7.00 7.69
CA ALA A 49 -6.66 -6.42 7.70
C ALA A 49 -7.58 -7.16 8.68
N THR A 50 -7.15 -8.34 9.14
CA THR A 50 -7.86 -9.18 10.09
C THR A 50 -8.04 -8.41 11.43
N ALA A 51 -7.18 -7.43 11.70
CA ALA A 51 -7.14 -6.54 12.84
C ALA A 51 -6.31 -5.33 12.41
N PRO A 52 -6.50 -4.16 13.02
CA PRO A 52 -5.72 -2.96 12.71
C PRO A 52 -4.33 -3.03 13.38
N GLY A 53 -4.02 -4.12 14.10
CA GLY A 53 -2.77 -4.34 14.78
C GLY A 53 -2.68 -5.82 15.01
ZN ZN B . 7.50 8.14 -4.24
ZN ZN C . 1.47 -3.64 -2.37
ZN ZN D . 2.53 -2.38 1.05
ZN ZN E . -0.80 -1.51 -0.43
N GLY A 1 16.87 6.15 -10.95
CA GLY A 1 15.63 6.95 -10.95
C GLY A 1 14.46 6.21 -10.34
N GLU A 2 14.49 5.89 -9.04
CA GLU A 2 13.40 5.14 -8.39
C GLU A 2 12.98 5.80 -7.08
N HIS A 3 11.87 5.32 -6.52
CA HIS A 3 11.24 5.78 -5.29
C HIS A 3 11.06 4.65 -4.29
N THR A 4 10.69 5.01 -3.05
CA THR A 4 10.42 4.05 -2.01
C THR A 4 9.02 3.56 -2.39
N THR A 5 8.85 2.26 -2.59
CA THR A 5 7.57 1.68 -2.97
C THR A 5 7.30 0.40 -2.22
N CYS A 6 6.04 -0.02 -2.20
CA CYS A 6 5.75 -1.28 -1.55
C CYS A 6 6.51 -2.34 -2.33
N GLY A 7 7.19 -3.26 -1.63
CA GLY A 7 7.99 -4.35 -2.20
C GLY A 7 7.35 -5.11 -3.36
N CYS A 8 6.02 -5.09 -3.46
CA CYS A 8 5.28 -5.72 -4.55
C CYS A 8 5.50 -4.96 -5.89
N GLY A 9 6.24 -3.85 -5.83
CA GLY A 9 6.57 -2.95 -6.92
C GLY A 9 5.38 -2.04 -7.12
N GLU A 10 4.91 -1.36 -6.05
CA GLU A 10 3.77 -0.48 -6.22
C GLU A 10 3.70 0.57 -5.14
N HIS A 11 3.68 1.84 -5.55
CA HIS A 11 3.57 3.00 -4.68
C HIS A 11 2.38 2.75 -3.74
N CYS A 12 2.62 2.82 -2.43
CA CYS A 12 1.58 2.61 -1.43
C CYS A 12 1.91 3.37 -0.17
N GLY A 13 0.91 3.72 0.64
CA GLY A 13 1.07 4.48 1.89
C GLY A 13 1.86 3.79 2.98
N CYS A 14 2.28 2.56 2.71
CA CYS A 14 3.10 1.75 3.61
C CYS A 14 4.59 1.94 3.30
N ASN A 15 4.90 2.80 2.33
CA ASN A 15 6.23 3.13 1.83
C ASN A 15 6.25 4.62 1.50
N PRO A 16 6.47 5.50 2.49
CA PRO A 16 6.54 6.93 2.25
C PRO A 16 7.74 7.18 1.34
N CYS A 17 7.59 8.10 0.40
CA CYS A 17 8.59 8.48 -0.57
C CYS A 17 8.57 9.98 -0.73
N ALA A 18 9.56 10.53 -1.43
CA ALA A 18 9.72 11.96 -1.70
C ALA A 18 8.50 12.63 -2.34
N CYS A 19 7.62 11.87 -3.02
CA CYS A 19 6.41 12.38 -3.65
C CYS A 19 5.16 12.11 -2.80
N GLY A 20 5.24 11.17 -1.86
CA GLY A 20 4.14 10.80 -0.97
C GLY A 20 2.96 10.13 -1.66
N ARG A 21 3.08 9.72 -2.92
CA ARG A 21 1.97 9.10 -3.64
C ARG A 21 1.65 7.74 -3.02
N GLU A 22 0.36 7.48 -2.81
CA GLU A 22 -0.15 6.24 -2.22
C GLU A 22 -1.12 5.52 -3.16
N GLY A 23 -1.70 6.31 -4.06
CA GLY A 23 -2.69 5.96 -5.07
C GLY A 23 -4.09 5.93 -4.45
N THR A 24 -5.12 6.07 -5.28
CA THR A 24 -6.49 6.04 -4.78
C THR A 24 -6.79 4.62 -4.29
N PRO A 25 -7.18 4.43 -3.03
CA PRO A 25 -7.45 3.11 -2.50
C PRO A 25 -8.61 2.41 -3.21
N SER A 26 -8.74 1.11 -2.93
CA SER A 26 -9.78 0.24 -3.49
C SER A 26 -11.21 0.82 -3.41
N GLY A 27 -11.51 1.67 -2.43
CA GLY A 27 -12.80 2.30 -2.24
C GLY A 27 -13.78 1.39 -1.51
N ARG A 28 -14.02 0.19 -2.05
CA ARG A 28 -14.94 -0.78 -1.45
C ARG A 28 -14.24 -1.64 -0.41
N ALA A 29 -13.42 -1.01 0.43
CA ALA A 29 -12.68 -1.65 1.50
C ALA A 29 -12.14 -0.59 2.43
N ASN A 30 -11.69 -1.06 3.59
CA ASN A 30 -11.12 -0.27 4.67
C ASN A 30 -9.73 -0.84 4.93
N ARG A 31 -8.90 -0.82 3.88
CA ARG A 31 -7.51 -1.28 3.88
C ARG A 31 -6.73 -0.43 4.89
N ARG A 32 -5.41 -0.59 5.00
CA ARG A 32 -4.60 0.12 5.95
C ARG A 32 -4.76 1.63 5.92
N ALA A 33 -4.13 2.24 4.94
CA ALA A 33 -4.11 3.67 4.77
C ALA A 33 -3.78 3.96 3.33
N ASN A 34 -4.86 4.08 2.57
CA ASN A 34 -4.87 4.41 1.15
C ASN A 34 -4.10 3.38 0.37
N CYS A 35 -4.11 2.12 0.83
CA CYS A 35 -3.39 1.11 0.12
C CYS A 35 -4.11 0.77 -1.22
N SER A 36 -3.78 1.50 -2.28
CA SER A 36 -4.32 1.31 -3.63
C SER A 36 -3.81 0.00 -4.25
N CYS A 37 -2.73 -0.51 -3.66
CA CYS A 37 -2.03 -1.71 -4.07
C CYS A 37 -2.65 -2.91 -3.38
N GLY A 38 -2.77 -4.07 -4.00
CA GLY A 38 -3.40 -5.22 -3.38
C GLY A 38 -2.96 -6.42 -4.16
N ALA A 39 -3.15 -6.34 -5.48
CA ALA A 39 -2.76 -7.37 -6.41
C ALA A 39 -1.26 -7.64 -6.20
N ALA A 40 -0.93 -8.91 -6.46
CA ALA A 40 0.38 -9.57 -6.38
C ALA A 40 1.27 -8.97 -5.29
N CYS A 41 0.75 -8.84 -4.07
CA CYS A 41 1.48 -8.25 -2.97
C CYS A 41 1.37 -9.06 -1.69
N ASN A 42 2.54 -9.37 -1.14
CA ASN A 42 2.71 -10.14 0.08
C ASN A 42 3.27 -9.32 1.25
N CYS A 43 3.51 -8.00 1.07
CA CYS A 43 4.00 -7.13 2.18
C CYS A 43 3.05 -7.30 3.37
N ALA A 44 3.48 -7.87 4.49
CA ALA A 44 2.63 -8.05 5.67
C ALA A 44 1.90 -6.78 6.11
N SER A 45 2.51 -5.59 6.00
CA SER A 45 1.84 -4.38 6.42
C SER A 45 0.59 -4.15 5.56
N CYS A 46 0.54 -4.71 4.34
CA CYS A 46 -0.62 -4.60 3.46
C CYS A 46 -1.52 -5.84 3.64
N GLY A 47 -0.99 -6.96 4.11
CA GLY A 47 -1.74 -8.19 4.36
C GLY A 47 -2.83 -7.90 5.38
N SER A 48 -2.45 -7.31 6.50
CA SER A 48 -3.31 -6.93 7.62
C SER A 48 -4.40 -5.98 7.11
N ALA A 49 -5.65 -6.43 7.13
CA ALA A 49 -6.83 -5.69 6.72
C ALA A 49 -7.99 -6.34 7.48
N THR A 50 -8.83 -7.14 6.82
CA THR A 50 -9.95 -7.81 7.46
C THR A 50 -9.45 -9.07 8.16
N ALA A 51 -8.87 -8.90 9.35
CA ALA A 51 -8.37 -9.97 10.17
C ALA A 51 -9.53 -10.55 11.00
N PRO A 52 -9.43 -11.82 11.45
CA PRO A 52 -10.46 -12.47 12.24
C PRO A 52 -10.53 -11.87 13.65
N GLY A 53 -9.40 -11.41 14.18
CA GLY A 53 -9.23 -10.80 15.48
C GLY A 53 -7.83 -11.18 15.87
ZN ZN B . 6.85 8.34 -4.85
ZN ZN C . 1.80 -3.79 -2.22
ZN ZN D . 2.77 -2.64 1.39
ZN ZN E . -0.42 -1.72 -0.15
N GLY A 1 10.12 6.55 -11.20
CA GLY A 1 10.46 5.28 -10.54
C GLY A 1 11.53 5.51 -9.49
N GLU A 2 12.31 4.48 -9.17
CA GLU A 2 13.40 4.49 -8.17
C GLU A 2 12.97 5.24 -6.90
N HIS A 3 11.80 4.89 -6.36
CA HIS A 3 11.24 5.52 -5.17
C HIS A 3 10.85 4.52 -4.12
N THR A 4 10.51 5.00 -2.92
CA THR A 4 10.08 4.10 -1.86
C THR A 4 8.71 3.63 -2.38
N THR A 5 8.62 2.33 -2.64
CA THR A 5 7.44 1.66 -3.12
C THR A 5 7.32 0.36 -2.39
N CYS A 6 6.10 -0.10 -2.24
CA CYS A 6 5.83 -1.36 -1.61
C CYS A 6 6.53 -2.41 -2.45
N GLY A 7 7.17 -3.39 -1.80
CA GLY A 7 7.88 -4.47 -2.48
C GLY A 7 7.07 -5.12 -3.62
N CYS A 8 5.73 -5.07 -3.58
CA CYS A 8 4.87 -5.62 -4.62
C CYS A 8 5.00 -4.87 -5.96
N GLY A 9 5.68 -3.71 -5.96
CA GLY A 9 5.96 -2.82 -7.07
C GLY A 9 4.97 -1.67 -7.19
N GLU A 10 4.48 -1.08 -6.08
CA GLU A 10 3.53 0.02 -6.13
C GLU A 10 3.74 1.04 -5.03
N HIS A 11 3.62 2.32 -5.37
CA HIS A 11 3.72 3.43 -4.44
C HIS A 11 2.54 3.23 -3.45
N CYS A 12 2.82 3.04 -2.15
CA CYS A 12 1.80 2.82 -1.11
C CYS A 12 2.12 3.60 0.15
N GLY A 13 1.14 3.73 1.06
CA GLY A 13 1.30 4.47 2.31
C GLY A 13 2.34 3.83 3.24
N CYS A 14 2.58 2.54 3.03
CA CYS A 14 3.53 1.72 3.78
C CYS A 14 4.97 1.95 3.32
N ASN A 15 5.19 2.82 2.35
CA ASN A 15 6.48 3.14 1.80
C ASN A 15 6.53 4.64 1.57
N PRO A 16 6.63 5.42 2.66
CA PRO A 16 6.70 6.86 2.56
C PRO A 16 7.92 7.19 1.71
N CYS A 17 7.73 8.06 0.74
CA CYS A 17 8.74 8.49 -0.19
C CYS A 17 8.76 10.01 -0.25
N ALA A 18 9.78 10.57 -0.89
CA ALA A 18 10.02 11.99 -1.10
C ALA A 18 8.92 12.69 -1.91
N CYS A 19 7.97 11.94 -2.46
CA CYS A 19 6.85 12.48 -3.22
C CYS A 19 5.49 12.10 -2.65
N GLY A 20 5.46 11.14 -1.72
CA GLY A 20 4.22 10.67 -1.06
C GLY A 20 3.15 10.08 -1.98
N ARG A 21 3.47 9.82 -3.25
CA ARG A 21 2.52 9.26 -4.19
C ARG A 21 2.09 7.86 -3.75
N GLU A 22 0.93 7.46 -4.28
CA GLU A 22 0.22 6.21 -4.17
C GLU A 22 -0.88 6.27 -5.22
N GLY A 23 -1.56 5.16 -5.47
CA GLY A 23 -2.65 5.09 -6.45
C GLY A 23 -3.98 5.27 -5.73
N THR A 24 -5.09 5.16 -6.46
CA THR A 24 -6.41 5.29 -5.88
C THR A 24 -6.60 4.13 -4.88
N PRO A 25 -6.80 4.45 -3.59
CA PRO A 25 -6.96 3.47 -2.55
C PRO A 25 -8.28 2.70 -2.69
N SER A 26 -8.28 1.50 -2.13
CA SER A 26 -9.44 0.61 -2.16
C SER A 26 -10.53 1.12 -1.20
N GLY A 27 -11.30 2.13 -1.61
CA GLY A 27 -12.38 2.75 -0.84
C GLY A 27 -13.48 1.81 -0.34
N ARG A 28 -13.51 0.54 -0.76
CA ARG A 28 -14.50 -0.45 -0.36
C ARG A 28 -13.82 -1.77 0.07
N ALA A 29 -12.79 -1.66 0.91
CA ALA A 29 -12.04 -2.78 1.45
C ALA A 29 -11.56 -2.41 2.86
N ASN A 30 -11.09 -3.44 3.57
CA ASN A 30 -10.58 -3.39 4.94
C ASN A 30 -9.27 -2.62 5.13
N ARG A 31 -8.64 -2.05 4.09
CA ARG A 31 -7.38 -1.34 4.30
C ARG A 31 -7.58 0.03 4.93
N ARG A 32 -6.45 0.56 5.38
CA ARG A 32 -6.17 1.81 6.07
C ARG A 32 -6.34 3.10 5.27
N ALA A 33 -7.22 3.08 4.30
CA ALA A 33 -7.56 4.19 3.42
C ALA A 33 -6.45 4.67 2.47
N ASN A 34 -5.21 4.18 2.62
CA ASN A 34 -4.05 4.56 1.80
C ASN A 34 -3.42 3.37 1.09
N CYS A 35 -4.00 2.17 1.19
CA CYS A 35 -3.41 1.03 0.52
C CYS A 35 -3.98 0.86 -0.89
N SER A 36 -3.33 1.53 -1.82
CA SER A 36 -3.61 1.57 -3.25
C SER A 36 -3.44 0.23 -3.97
N CYS A 37 -2.63 -0.66 -3.38
CA CYS A 37 -2.30 -2.02 -3.86
C CYS A 37 -3.47 -2.83 -4.42
N GLY A 38 -3.14 -3.86 -5.21
CA GLY A 38 -4.08 -4.77 -5.82
C GLY A 38 -3.26 -6.01 -6.06
N ALA A 39 -2.40 -5.95 -7.07
CA ALA A 39 -1.54 -7.05 -7.47
C ALA A 39 -0.60 -7.53 -6.38
N ALA A 40 -0.31 -8.82 -6.52
CA ALA A 40 0.52 -9.76 -5.77
C ALA A 40 1.31 -9.08 -4.66
N CYS A 41 0.61 -8.78 -3.57
CA CYS A 41 1.21 -8.13 -2.44
C CYS A 41 1.35 -8.92 -1.15
N ASN A 42 2.52 -9.54 -0.95
CA ASN A 42 2.75 -10.30 0.28
C ASN A 42 3.21 -9.37 1.42
N CYS A 43 3.44 -8.07 1.18
CA CYS A 43 3.85 -7.14 2.26
C CYS A 43 2.87 -7.22 3.42
N ALA A 44 3.28 -7.72 4.60
CA ALA A 44 2.46 -7.87 5.80
C ALA A 44 1.72 -6.58 6.17
N SER A 45 2.34 -5.41 6.02
CA SER A 45 1.71 -4.11 6.32
C SER A 45 0.46 -3.94 5.46
N CYS A 46 0.45 -4.56 4.27
CA CYS A 46 -0.67 -4.49 3.37
C CYS A 46 -1.62 -5.66 3.47
N GLY A 47 -1.18 -6.84 3.90
CA GLY A 47 -2.10 -7.96 4.07
C GLY A 47 -3.04 -7.51 5.19
N SER A 48 -2.45 -7.31 6.35
CA SER A 48 -3.09 -6.85 7.57
C SER A 48 -3.43 -5.36 7.40
N ALA A 49 -4.35 -4.84 8.21
CA ALA A 49 -4.76 -3.44 8.16
C ALA A 49 -5.47 -2.93 9.43
N THR A 50 -5.68 -3.79 10.42
CA THR A 50 -6.35 -3.47 11.68
C THR A 50 -5.38 -3.77 12.83
N ALA A 51 -4.79 -4.95 12.85
CA ALA A 51 -3.86 -5.42 13.87
C ALA A 51 -2.82 -6.35 13.25
N PRO A 52 -1.69 -6.62 13.92
CA PRO A 52 -0.64 -7.50 13.41
C PRO A 52 -1.12 -8.97 13.47
N GLY A 53 -1.93 -9.36 12.49
CA GLY A 53 -2.50 -10.68 12.35
C GLY A 53 -3.85 -10.69 13.03
ZN ZN B . 7.37 8.54 -4.58
ZN ZN C . 1.63 -3.69 -2.06
ZN ZN D . 2.84 -2.53 1.39
ZN ZN E . -0.40 -1.43 -0.02
#